data_4YEL
#
_entry.id   4YEL
#
_cell.length_a   74.360
_cell.length_b   74.360
_cell.length_c   174.679
_cell.angle_alpha   90.000
_cell.angle_beta   90.000
_cell.angle_gamma   120.000
#
_symmetry.space_group_name_H-M   'P 3 2 1'
#
loop_
_entity.id
_entity.type
_entity.pdbx_description
1 polymer 'Tail spike protein'
2 branched alpha-L-rhamnopyranose-(1-6)-alpha-D-glucopyranose-(1-4)-[2-acetamido-2-deoxy-beta-D-glucopyranose-(1-3)]alpha-D-galactopyranose-(1-3)-[alpha-D-glucopyranose-(1-6)]2-acetamido-2-deoxy-alpha-D-glucopyranose
3 non-polymer 2-AMINO-2-HYDROXYMETHYL-PROPANE-1,3-DIOL
4 non-polymer 'FORMIC ACID'
5 non-polymer 'SODIUM ION'
6 water water
#
_entity_poly.entity_id   1
_entity_poly.type   'polypeptide(L)'
_entity_poly.pdbx_seq_one_letter_code
;FRAIIESPEGAGHVGYQYRRNTGSTMRMVSDVLDERVSLWDFHCDPSGNVIQPGPNVDSRQYLQAAIDYVSSNGGGTITI
PAGYTWYLGSYGVGGIAGHSGIIQLRSNVNLNIEGRIHLSPFFDLKPFQVFVGFDNGDPASSGNLENCHIYGHGVVDFGG
YEFGASSQLRNGVAFGRSYNCSVTGITFQNGDVTWAITLGWNGYGSNCYVRKCRFINLVNSSVNAAHSTVYVNCPYSGVE
SCYFSMSSSFARNIACSVALHQHDTFYRGSTVNGYCRGAYVVMHAAEAAGAGSYAYNMQVENNIAVIYGQFVILGSDVTA
TVSGHLNDVIVSGNIVSIGERAAFSAPFGAFIDIGPDNSGASNVQDIQRVLVTGNSFYAPANITDSAAITLRANLNGCTF
IANNFDCRYMVYNAPGTTSPVVQNLVWDKSNVIGGTHANQRAGQNLFDMQFASVVNSTIEVQLSCEDLSMFSCILFPASC
QLSYSKITVDSAWTKSMSNTAVFEGNQQAGANVYVSYPATVNLTSYNTQGAVPFFSTDTNYAWVTSAYSLSINENLDFSP
PATYTNKANGQLVGVGYNEIGGVRSVSVRLMLQRQV
;
_entity_poly.pdbx_strand_id   A
#
loop_
_chem_comp.id
_chem_comp.type
_chem_comp.name
_chem_comp.formula
FMT non-polymer 'FORMIC ACID' 'C H2 O2'
GLA D-saccharide, alpha linking alpha-D-galactopyranose 'C6 H12 O6'
GLC D-saccharide, alpha linking alpha-D-glucopyranose 'C6 H12 O6'
NA non-polymer 'SODIUM ION' 'Na 1'
NAG D-saccharide, beta linking 2-acetamido-2-deoxy-beta-D-glucopyranose 'C8 H15 N O6'
NDG D-saccharide, alpha linking 2-acetamido-2-deoxy-alpha-D-glucopyranose 'C8 H15 N O6'
RAM L-saccharide, alpha linking alpha-L-rhamnopyranose 'C6 H12 O5'
TRS non-polymer 2-AMINO-2-HYDROXYMETHYL-PROPANE-1,3-DIOL 'C4 H12 N O3 1'
#
# COMPACT_ATOMS: atom_id res chain seq x y z
N PHE A 1 36.78 -36.70 44.49
CA PHE A 1 37.24 -35.44 43.82
C PHE A 1 37.34 -35.68 42.34
N ARG A 2 38.18 -36.62 41.89
CA ARG A 2 38.04 -37.10 40.47
C ARG A 2 36.55 -37.34 40.11
N ALA A 3 35.83 -38.09 40.94
CA ALA A 3 34.43 -38.32 40.68
C ALA A 3 33.61 -37.03 40.56
N ILE A 4 33.85 -36.05 41.45
CA ILE A 4 33.12 -34.75 41.46
C ILE A 4 33.41 -34.00 40.14
N ILE A 5 34.70 -33.99 39.80
CA ILE A 5 35.17 -33.28 38.62
C ILE A 5 34.58 -33.83 37.30
N GLU A 6 34.45 -35.13 37.21
CA GLU A 6 33.90 -35.77 36.00
C GLU A 6 32.35 -35.76 36.02
N SER A 7 31.77 -35.44 37.18
CA SER A 7 30.35 -35.38 37.31
C SER A 7 29.79 -34.11 36.66
N PRO A 8 28.46 -34.04 36.49
CA PRO A 8 27.84 -32.81 35.98
C PRO A 8 28.07 -31.57 36.86
N GLU A 9 28.47 -31.77 38.10
CA GLU A 9 28.81 -30.63 38.96
C GLU A 9 30.28 -30.25 38.99
N GLY A 10 31.08 -30.89 38.14
CA GLY A 10 32.52 -30.67 38.13
C GLY A 10 32.93 -29.26 37.88
N ALA A 11 32.33 -28.60 36.88
CA ALA A 11 32.68 -27.22 36.57
C ALA A 11 32.38 -26.30 37.74
N GLY A 12 31.41 -26.70 38.58
CA GLY A 12 31.09 -25.97 39.81
C GLY A 12 32.09 -26.15 40.94
N HIS A 13 33.16 -26.89 40.67
CA HIS A 13 34.21 -27.03 41.67
C HIS A 13 35.57 -26.45 41.21
N VAL A 14 35.62 -25.91 40.01
CA VAL A 14 36.85 -25.42 39.40
C VAL A 14 36.82 -23.93 39.51
N GLY A 15 37.77 -23.37 40.27
CA GLY A 15 37.73 -21.93 40.61
C GLY A 15 38.15 -21.06 39.43
N TYR A 16 37.65 -19.84 39.41
CA TYR A 16 37.96 -18.86 38.37
C TYR A 16 37.86 -17.48 38.93
N GLN A 17 38.83 -16.66 38.54
CA GLN A 17 38.80 -15.24 38.85
C GLN A 17 39.25 -14.51 37.60
N TYR A 18 38.43 -13.56 37.13
CA TYR A 18 38.61 -12.90 35.84
C TYR A 18 39.97 -12.25 35.72
N ARG A 19 40.70 -12.67 34.68
CA ARG A 19 42.01 -12.19 34.31
C ARG A 19 42.99 -12.14 35.49
N ARG A 20 42.83 -13.07 36.43
CA ARG A 20 43.65 -13.12 37.65
C ARG A 20 43.58 -11.82 38.45
N ASN A 21 42.52 -11.02 38.29
CA ASN A 21 42.40 -9.75 39.03
C ASN A 21 42.01 -10.02 40.44
N THR A 22 42.87 -9.60 41.36
CA THR A 22 42.58 -9.83 42.79
C THR A 22 41.32 -9.12 43.28
N GLY A 23 40.82 -8.12 42.57
CA GLY A 23 39.59 -7.42 43.02
C GLY A 23 38.34 -8.05 42.46
N SER A 24 38.50 -9.04 41.59
CA SER A 24 37.36 -9.71 40.96
C SER A 24 36.77 -10.82 41.83
N THR A 25 35.55 -11.18 41.48
CA THR A 25 34.80 -12.17 42.17
C THR A 25 35.50 -13.54 42.01
N MET A 26 35.57 -14.25 43.14
CA MET A 26 36.04 -15.65 43.14
C MET A 26 34.87 -16.54 42.81
N ARG A 27 34.86 -17.02 41.57
CA ARG A 27 33.73 -17.73 41.01
C ARG A 27 34.17 -19.15 40.71
N MET A 28 33.23 -19.94 40.18
CA MET A 28 33.52 -21.28 39.62
C MET A 28 33.24 -21.25 38.11
N VAL A 29 33.92 -22.10 37.36
CA VAL A 29 33.74 -22.13 35.91
C VAL A 29 32.24 -22.22 35.52
N SER A 30 31.51 -23.04 36.25
CA SER A 30 30.09 -23.20 35.95
C SER A 30 29.29 -21.88 36.03
N ASP A 31 29.61 -20.99 36.98
CA ASP A 31 28.98 -19.68 37.05
C ASP A 31 29.15 -18.88 35.73
N VAL A 32 30.36 -18.88 35.17
CA VAL A 32 30.62 -18.14 33.95
C VAL A 32 29.90 -18.80 32.77
N LEU A 33 29.94 -20.11 32.73
CA LEU A 33 29.22 -20.85 31.69
C LEU A 33 27.73 -20.62 31.81
N ASP A 34 27.20 -20.46 33.01
CA ASP A 34 25.76 -20.23 33.22
C ASP A 34 25.31 -18.82 32.73
N GLU A 35 26.26 -17.95 32.38
CA GLU A 35 25.94 -16.61 31.81
C GLU A 35 25.35 -16.67 30.43
N ARG A 36 25.53 -17.77 29.74
CA ARG A 36 24.96 -17.96 28.43
C ARG A 36 24.23 -19.30 28.42
N VAL A 37 23.43 -19.50 27.40
CA VAL A 37 22.58 -20.70 27.25
C VAL A 37 22.28 -20.91 25.76
N SER A 38 22.31 -22.16 25.35
CA SER A 38 21.97 -22.56 24.02
C SER A 38 21.03 -23.75 23.98
N LEU A 39 20.51 -24.02 22.80
CA LEU A 39 19.70 -25.20 22.61
C LEU A 39 20.44 -26.48 23.07
N TRP A 40 21.76 -26.51 22.93
CA TRP A 40 22.49 -27.73 23.32
C TRP A 40 22.30 -28.07 24.79
N ASP A 41 21.96 -27.05 25.61
CA ASP A 41 21.76 -27.28 27.02
C ASP A 41 20.46 -28.00 27.33
N PHE A 42 19.59 -28.20 26.31
CA PHE A 42 18.29 -28.85 26.52
C PHE A 42 18.01 -29.94 25.52
N HIS A 43 18.92 -30.13 24.55
CA HIS A 43 18.72 -30.98 23.39
C HIS A 43 19.35 -32.35 23.72
N CYS A 44 18.68 -33.11 24.62
CA CYS A 44 19.24 -34.28 25.24
C CYS A 44 18.17 -35.28 25.56
N ASP A 45 18.59 -36.53 25.68
CA ASP A 45 17.65 -37.60 26.00
C ASP A 45 17.38 -37.60 27.50
N PRO A 46 16.53 -38.53 27.94
CA PRO A 46 16.20 -38.56 29.37
C PRO A 46 17.35 -38.90 30.29
N SER A 47 18.47 -39.40 29.77
CA SER A 47 19.65 -39.64 30.58
C SER A 47 20.63 -38.49 30.58
N GLY A 48 20.26 -37.39 29.91
CA GLY A 48 21.11 -36.22 29.75
C GLY A 48 22.14 -36.30 28.62
N ASN A 49 22.08 -37.34 27.80
CA ASN A 49 23.02 -37.40 26.67
C ASN A 49 22.56 -36.50 25.52
N VAL A 50 23.46 -35.67 25.01
CA VAL A 50 23.19 -34.78 23.89
C VAL A 50 22.69 -35.58 22.70
N ILE A 51 21.72 -35.01 22.01
CA ILE A 51 21.14 -35.57 20.77
C ILE A 51 21.55 -34.67 19.59
N GLN A 52 22.10 -35.25 18.52
CA GLN A 52 22.40 -34.44 17.31
C GLN A 52 21.11 -34.11 16.57
N PRO A 53 20.92 -32.84 16.17
CA PRO A 53 19.78 -32.51 15.32
C PRO A 53 19.96 -33.09 13.92
N GLY A 54 18.85 -33.15 13.23
CA GLY A 54 18.78 -33.68 11.88
C GLY A 54 17.38 -33.96 11.46
N PRO A 55 17.22 -34.35 10.19
CA PRO A 55 15.91 -34.53 9.55
C PRO A 55 15.11 -35.60 10.18
N ASN A 56 15.74 -36.51 10.88
CA ASN A 56 14.98 -37.50 11.65
C ASN A 56 14.84 -37.21 13.13
N VAL A 57 15.15 -36.02 13.60
CA VAL A 57 15.00 -35.70 15.01
C VAL A 57 14.07 -34.52 15.08
N ASP A 58 13.12 -34.59 16.00
CA ASP A 58 12.21 -33.49 16.27
C ASP A 58 12.76 -32.68 17.44
N SER A 59 13.23 -31.48 17.15
CA SER A 59 13.83 -30.64 18.13
C SER A 59 12.82 -29.83 18.99
N ARG A 60 11.53 -29.93 18.69
CA ARG A 60 10.55 -29.03 19.30
C ARG A 60 10.55 -29.09 20.83
N GLN A 61 10.42 -30.31 21.38
CA GLN A 61 10.30 -30.44 22.84
C GLN A 61 11.53 -29.82 23.54
N TYR A 62 12.71 -29.96 22.91
CA TYR A 62 13.95 -29.46 23.54
C TYR A 62 13.99 -27.94 23.56
N LEU A 63 13.54 -27.31 22.48
CA LEU A 63 13.55 -25.87 22.37
C LEU A 63 12.49 -25.32 23.29
N GLN A 64 11.35 -26.02 23.40
CA GLN A 64 10.36 -25.58 24.37
C GLN A 64 10.89 -25.68 25.78
N ALA A 65 11.64 -26.74 26.10
CA ALA A 65 12.13 -26.87 27.48
C ALA A 65 13.11 -25.71 27.80
N ALA A 66 13.91 -25.34 26.80
CA ALA A 66 14.85 -24.23 26.99
C ALA A 66 14.13 -22.92 27.28
N ILE A 67 13.15 -22.59 26.44
CA ILE A 67 12.33 -21.40 26.62
C ILE A 67 11.61 -21.39 27.97
N ASP A 68 10.96 -22.49 28.32
CA ASP A 68 10.27 -22.57 29.62
C ASP A 68 11.24 -22.34 30.81
N TYR A 69 12.42 -22.94 30.71
CA TYR A 69 13.38 -22.85 31.80
C TYR A 69 13.93 -21.39 31.94
N VAL A 70 14.37 -20.83 30.81
CA VAL A 70 14.87 -19.44 30.82
C VAL A 70 13.78 -18.48 31.35
N SER A 71 12.54 -18.72 30.94
CA SER A 71 11.40 -17.92 31.38
C SER A 71 11.33 -17.96 32.89
N SER A 72 11.51 -19.14 33.47
CA SER A 72 11.47 -19.27 34.94
C SER A 72 12.52 -18.43 35.67
N ASN A 73 13.63 -18.06 35.02
CA ASN A 73 14.67 -17.21 35.68
C ASN A 73 14.58 -15.69 35.39
N GLY A 74 13.50 -15.25 34.76
CA GLY A 74 13.30 -13.83 34.46
C GLY A 74 13.81 -13.47 33.11
N GLY A 75 14.17 -14.47 32.32
CA GLY A 75 14.48 -14.27 30.94
C GLY A 75 15.96 -14.33 30.65
N GLY A 76 16.28 -14.07 29.37
CA GLY A 76 17.59 -14.20 28.77
C GLY A 76 17.48 -14.49 27.29
N THR A 77 18.60 -14.87 26.71
CA THR A 77 18.67 -15.07 25.25
C THR A 77 19.19 -16.49 25.02
N ILE A 78 18.40 -17.34 24.39
CA ILE A 78 18.82 -18.68 23.94
C ILE A 78 19.36 -18.67 22.54
N THR A 79 20.59 -19.16 22.34
CA THR A 79 21.16 -19.29 21.01
C THR A 79 20.76 -20.60 20.37
N ILE A 80 20.36 -20.51 19.11
CA ILE A 80 20.10 -21.64 18.23
C ILE A 80 21.33 -21.74 17.32
N PRO A 81 22.20 -22.71 17.62
CA PRO A 81 23.54 -22.63 17.05
C PRO A 81 23.72 -22.71 15.55
N ALA A 82 24.70 -21.94 15.11
CA ALA A 82 25.13 -21.94 13.72
C ALA A 82 25.76 -23.29 13.36
N GLY A 83 25.65 -23.65 12.08
CA GLY A 83 26.32 -24.85 11.56
C GLY A 83 25.50 -26.13 11.68
N TYR A 84 24.25 -25.95 12.13
CA TYR A 84 23.31 -27.02 12.29
C TYR A 84 21.94 -26.58 11.80
N THR A 85 21.20 -27.55 11.28
CA THR A 85 19.78 -27.39 11.01
C THR A 85 18.93 -28.12 12.04
N TRP A 86 18.00 -27.40 12.64
CA TRP A 86 17.19 -27.87 13.74
C TRP A 86 15.79 -28.09 13.19
N TYR A 87 15.38 -29.34 13.08
CA TYR A 87 14.04 -29.65 12.54
C TYR A 87 12.92 -29.64 13.56
N LEU A 88 11.77 -29.13 13.16
CA LEU A 88 10.58 -29.18 14.01
C LEU A 88 9.60 -30.16 13.39
N GLY A 89 9.03 -31.08 14.20
CA GLY A 89 8.32 -32.28 13.70
C GLY A 89 7.01 -32.69 14.35
N SER A 90 6.44 -31.79 15.14
CA SER A 90 5.24 -32.06 15.96
C SER A 90 4.65 -30.74 16.39
N TYR A 91 3.37 -30.74 16.74
CA TYR A 91 2.75 -29.56 17.31
C TYR A 91 3.06 -29.41 18.80
N GLY A 92 2.91 -28.18 19.27
CA GLY A 92 3.00 -27.88 20.67
C GLY A 92 1.70 -28.26 21.33
N VAL A 93 1.68 -28.03 22.63
CA VAL A 93 0.53 -28.42 23.49
C VAL A 93 0.15 -27.28 24.43
N GLY A 94 -1.05 -27.31 24.93
CA GLY A 94 -1.54 -26.25 25.80
C GLY A 94 -2.14 -25.13 24.98
N GLY A 95 -2.01 -23.91 25.50
CA GLY A 95 -2.54 -22.70 24.91
C GLY A 95 -2.33 -22.45 23.43
N ILE A 96 -1.18 -22.85 22.89
CA ILE A 96 -0.88 -22.64 21.49
C ILE A 96 -1.48 -23.66 20.56
N ALA A 97 -2.08 -24.71 21.10
CA ALA A 97 -2.71 -25.75 20.29
C ALA A 97 -3.84 -25.25 19.44
N GLY A 98 -4.59 -24.30 19.99
CA GLY A 98 -5.64 -23.61 19.29
C GLY A 98 -5.22 -22.76 18.10
N HIS A 99 -3.93 -22.46 18.01
CA HIS A 99 -3.36 -21.66 16.96
C HIS A 99 -2.49 -22.52 16.08
N SER A 100 -2.67 -23.84 16.13
CA SER A 100 -1.78 -24.79 15.41
C SER A 100 -0.31 -24.49 15.69
N GLY A 101 -0.01 -24.13 16.93
CA GLY A 101 1.31 -23.66 17.30
C GLY A 101 2.34 -24.78 17.40
N ILE A 102 3.58 -24.45 17.05
CA ILE A 102 4.67 -25.38 17.26
C ILE A 102 5.43 -25.06 18.54
N ILE A 103 6.02 -23.87 18.59
CA ILE A 103 6.75 -23.37 19.74
C ILE A 103 5.99 -22.26 20.44
N GLN A 104 5.97 -22.26 21.76
CA GLN A 104 5.40 -21.13 22.52
C GLN A 104 6.49 -20.16 23.01
N LEU A 105 6.41 -18.91 22.58
CA LEU A 105 7.32 -17.87 23.07
C LEU A 105 6.92 -17.43 24.47
N ARG A 106 7.87 -16.92 25.24
CA ARG A 106 7.56 -16.40 26.56
C ARG A 106 8.29 -15.09 26.83
N SER A 107 7.71 -14.30 27.72
CA SER A 107 8.17 -12.96 27.97
C SER A 107 9.63 -12.89 28.42
N ASN A 108 10.36 -11.90 27.91
CA ASN A 108 11.78 -11.76 28.24
C ASN A 108 12.73 -12.83 27.77
N VAL A 109 12.22 -13.77 26.97
CA VAL A 109 13.06 -14.83 26.47
C VAL A 109 13.29 -14.60 25.01
N ASN A 110 14.53 -14.21 24.68
CA ASN A 110 14.87 -13.93 23.34
C ASN A 110 15.46 -15.17 22.67
N LEU A 111 15.35 -15.21 21.34
CA LEU A 111 15.95 -16.27 20.54
C LEU A 111 16.96 -15.67 19.60
N ASN A 112 18.21 -16.09 19.73
CA ASN A 112 19.26 -15.68 18.80
C ASN A 112 19.41 -16.85 17.83
N ILE A 113 18.76 -16.71 16.68
CA ILE A 113 18.77 -17.78 15.67
C ILE A 113 19.95 -17.60 14.72
N GLU A 114 20.98 -18.39 14.91
CA GLU A 114 22.13 -18.29 14.03
C GLU A 114 22.19 -19.46 13.01
N GLY A 115 21.75 -20.64 13.44
CA GLY A 115 21.54 -21.78 12.58
C GLY A 115 20.20 -21.73 11.86
N ARG A 116 19.74 -22.89 11.39
CA ARG A 116 18.57 -22.97 10.53
C ARG A 116 17.54 -23.75 11.24
N ILE A 117 16.30 -23.30 11.14
CA ILE A 117 15.14 -24.02 11.65
C ILE A 117 14.31 -24.42 10.45
N HIS A 118 13.91 -25.68 10.40
N HIS A 118 14.02 -25.71 10.36
CA HIS A 118 13.33 -26.26 9.19
CA HIS A 118 13.31 -26.29 9.23
C HIS A 118 12.18 -27.17 9.58
C HIS A 118 12.10 -27.03 9.72
N LEU A 119 11.04 -26.98 8.93
CA LEU A 119 9.88 -27.83 9.19
C LEU A 119 10.03 -29.15 8.49
N SER A 120 9.75 -30.22 9.24
CA SER A 120 9.75 -31.58 8.74
C SER A 120 8.43 -31.92 8.02
N PRO A 121 8.42 -33.06 7.28
CA PRO A 121 7.25 -33.29 6.43
C PRO A 121 5.99 -33.70 7.17
N PHE A 122 6.07 -33.92 8.48
CA PHE A 122 4.85 -34.00 9.34
C PHE A 122 3.92 -32.81 9.01
N PHE A 123 4.49 -31.66 8.70
CA PHE A 123 3.62 -30.49 8.41
C PHE A 123 3.08 -30.33 7.00
N ASP A 124 3.45 -31.23 6.10
CA ASP A 124 2.95 -31.15 4.77
C ASP A 124 1.42 -31.21 4.75
N LEU A 125 0.82 -30.29 3.98
CA LEU A 125 -0.61 -30.17 3.83
C LEU A 125 -1.35 -29.86 5.10
N LYS A 126 -0.65 -29.37 6.12
CA LYS A 126 -1.27 -29.05 7.41
C LYS A 126 -1.12 -27.56 7.79
N PRO A 127 -2.03 -27.07 8.63
CA PRO A 127 -1.79 -25.69 9.21
C PRO A 127 -0.65 -25.62 10.18
N PHE A 128 -0.03 -24.44 10.37
CA PHE A 128 0.91 -24.31 11.45
C PHE A 128 1.27 -22.87 11.71
N GLN A 129 1.63 -22.59 12.97
CA GLN A 129 2.20 -21.29 13.32
C GLN A 129 3.40 -21.56 14.14
N VAL A 130 4.57 -21.30 13.59
CA VAL A 130 5.81 -21.82 14.14
C VAL A 130 6.14 -21.35 15.53
N PHE A 131 6.07 -20.05 15.71
CA PHE A 131 6.29 -19.42 17.01
C PHE A 131 5.08 -18.66 17.39
N VAL A 132 4.54 -18.95 18.58
CA VAL A 132 3.29 -18.31 19.01
C VAL A 132 3.46 -17.70 20.41
N GLY A 133 3.07 -16.43 20.54
CA GLY A 133 3.13 -15.71 21.82
C GLY A 133 1.85 -15.67 22.62
N PHE A 134 0.75 -16.14 22.04
CA PHE A 134 -0.47 -16.33 22.83
C PHE A 134 -0.24 -17.44 23.83
N ASP A 135 -0.93 -17.34 24.98
CA ASP A 135 -0.85 -18.42 25.97
C ASP A 135 -2.17 -19.12 26.19
N ASN A 136 -3.13 -18.85 25.32
CA ASN A 136 -4.48 -19.38 25.43
C ASN A 136 -5.05 -19.56 24.02
N GLY A 137 -5.86 -20.60 23.82
CA GLY A 137 -6.48 -20.88 22.55
C GLY A 137 -7.37 -19.77 22.06
N ASP A 138 -7.95 -19.04 22.99
CA ASP A 138 -8.82 -17.94 22.68
C ASP A 138 -7.99 -16.68 22.90
N PRO A 139 -7.76 -15.91 21.81
CA PRO A 139 -6.84 -14.77 21.97
C PRO A 139 -7.39 -13.76 22.94
N ALA A 140 -8.72 -13.70 23.04
CA ALA A 140 -9.32 -12.80 24.00
C ALA A 140 -9.01 -13.12 25.45
N SER A 141 -8.68 -14.37 25.77
CA SER A 141 -8.39 -14.73 27.15
C SER A 141 -6.91 -14.90 27.32
N SER A 142 -6.14 -14.59 26.28
CA SER A 142 -4.69 -14.66 26.38
C SER A 142 -4.02 -13.55 27.21
N GLY A 143 -2.99 -13.98 27.90
CA GLY A 143 -2.06 -13.08 28.53
C GLY A 143 -1.18 -12.43 27.43
N ASN A 144 -0.32 -11.53 27.87
CA ASN A 144 0.53 -10.78 26.94
C ASN A 144 1.86 -11.47 26.73
N LEU A 145 2.55 -11.08 25.68
CA LEU A 145 3.94 -11.42 25.48
C LEU A 145 4.71 -10.13 25.53
N GLU A 146 5.71 -10.00 26.40
CA GLU A 146 6.49 -8.77 26.47
C GLU A 146 7.96 -9.04 26.29
N ASN A 147 8.68 -8.11 25.68
CA ASN A 147 10.14 -8.11 25.72
C ASN A 147 10.71 -9.37 25.13
N CYS A 148 10.19 -9.76 23.95
CA CYS A 148 10.63 -10.94 23.22
C CYS A 148 11.17 -10.61 21.85
N HIS A 149 12.43 -10.93 21.65
CA HIS A 149 13.11 -10.56 20.45
C HIS A 149 13.72 -11.79 19.83
N ILE A 150 13.56 -11.86 18.52
CA ILE A 150 14.08 -12.93 17.70
C ILE A 150 15.04 -12.29 16.75
N TYR A 151 16.30 -12.71 16.75
CA TYR A 151 17.30 -12.03 15.90
C TYR A 151 18.44 -12.98 15.51
N GLY A 152 19.21 -12.57 14.50
CA GLY A 152 20.41 -13.30 14.15
C GLY A 152 20.53 -13.44 12.67
N HIS A 153 21.49 -14.22 12.24
CA HIS A 153 21.84 -14.37 10.84
C HIS A 153 21.20 -15.67 10.27
N GLY A 154 20.32 -16.27 11.08
CA GLY A 154 19.80 -17.56 10.76
C GLY A 154 18.59 -17.52 9.86
N VAL A 155 17.94 -18.69 9.76
CA VAL A 155 16.96 -18.94 8.76
C VAL A 155 15.80 -19.75 9.34
N VAL A 156 14.61 -19.38 8.95
CA VAL A 156 13.40 -20.20 9.13
C VAL A 156 12.92 -20.66 7.77
N ASP A 157 12.95 -21.96 7.56
CA ASP A 157 12.62 -22.58 6.30
C ASP A 157 11.33 -23.41 6.44
N PHE A 158 10.34 -23.09 5.62
CA PHE A 158 9.01 -23.74 5.75
C PHE A 158 8.86 -25.02 4.95
N GLY A 159 9.97 -25.53 4.41
CA GLY A 159 10.02 -26.89 3.87
C GLY A 159 9.40 -27.07 2.53
N GLY A 160 8.95 -25.98 1.94
CA GLY A 160 8.34 -25.97 0.61
C GLY A 160 6.91 -26.57 0.55
N TYR A 161 6.36 -27.00 1.68
CA TYR A 161 5.07 -27.72 1.63
C TYR A 161 3.92 -26.84 1.19
N GLU A 162 3.09 -27.37 0.31
CA GLU A 162 1.90 -26.64 -0.05
C GLU A 162 0.86 -26.73 1.09
N PHE A 163 -0.07 -25.78 1.05
CA PHE A 163 -1.30 -25.83 1.83
C PHE A 163 -2.13 -27.05 1.41
N GLY A 164 -2.80 -27.63 2.40
CA GLY A 164 -3.74 -28.68 2.19
C GLY A 164 -5.12 -28.26 1.73
N ALA A 165 -5.57 -27.13 2.23
CA ALA A 165 -6.89 -26.56 1.97
C ALA A 165 -6.74 -25.07 2.12
N SER A 166 -7.50 -24.30 1.35
CA SER A 166 -7.48 -22.86 1.39
C SER A 166 -7.86 -22.28 2.73
N SER A 167 -8.73 -22.97 3.45
CA SER A 167 -9.18 -22.48 4.75
C SER A 167 -8.10 -22.55 5.84
N GLN A 168 -6.99 -23.27 5.59
CA GLN A 168 -5.95 -23.42 6.58
C GLN A 168 -5.20 -22.10 6.78
N LEU A 169 -4.56 -21.95 7.92
CA LEU A 169 -3.66 -20.79 8.16
C LEU A 169 -2.25 -21.27 8.48
N ARG A 170 -1.29 -20.48 8.04
CA ARG A 170 0.09 -20.74 8.33
C ARG A 170 0.81 -19.44 8.58
N ASN A 171 1.69 -19.45 9.56
CA ASN A 171 2.42 -18.26 10.02
C ASN A 171 3.79 -18.72 10.49
N GLY A 172 4.77 -17.80 10.42
CA GLY A 172 6.04 -17.95 11.09
C GLY A 172 6.05 -17.55 12.56
N VAL A 173 5.95 -16.24 12.82
CA VAL A 173 5.95 -15.74 14.16
C VAL A 173 4.65 -14.97 14.41
N ALA A 174 3.82 -15.47 15.36
CA ALA A 174 2.68 -14.75 15.88
C ALA A 174 3.01 -14.25 17.26
N PHE A 175 3.37 -13.00 17.41
CA PHE A 175 3.79 -12.53 18.69
C PHE A 175 2.61 -12.50 19.71
N GLY A 176 1.38 -12.36 19.22
CA GLY A 176 0.17 -12.36 20.12
C GLY A 176 -0.10 -10.94 20.59
N ARG A 177 -0.54 -10.85 21.84
CA ARG A 177 -0.79 -9.59 22.45
C ARG A 177 0.58 -9.06 22.93
N SER A 178 1.26 -8.39 21.99
CA SER A 178 2.71 -8.30 22.02
C SER A 178 3.21 -6.89 22.26
N TYR A 179 4.02 -6.76 23.28
CA TYR A 179 4.58 -5.45 23.71
C TYR A 179 6.07 -5.51 23.74
N ASN A 180 6.69 -4.64 22.96
CA ASN A 180 8.18 -4.61 22.82
C ASN A 180 8.74 -5.94 22.39
N CYS A 181 8.27 -6.38 21.24
CA CYS A 181 8.74 -7.57 20.58
C CYS A 181 9.28 -7.23 19.21
N SER A 182 10.27 -7.99 18.73
CA SER A 182 10.83 -7.65 17.44
C SER A 182 11.45 -8.85 16.79
N VAL A 183 11.57 -8.78 15.45
CA VAL A 183 12.34 -9.77 14.66
C VAL A 183 13.34 -8.99 13.81
N THR A 184 14.59 -9.35 13.88
CA THR A 184 15.67 -8.62 13.21
C THR A 184 16.64 -9.61 12.51
N GLY A 185 16.93 -9.41 11.24
CA GLY A 185 18.01 -10.14 10.64
C GLY A 185 17.68 -11.47 10.01
N ILE A 186 16.53 -12.01 10.31
CA ILE A 186 16.24 -13.40 9.97
C ILE A 186 15.74 -13.50 8.53
N THR A 187 16.06 -14.61 7.87
CA THR A 187 15.53 -14.95 6.57
C THR A 187 14.42 -16.00 6.75
N PHE A 188 13.23 -15.70 6.22
CA PHE A 188 12.07 -16.61 6.19
C PHE A 188 11.94 -17.02 4.72
N GLN A 189 11.93 -18.30 4.46
CA GLN A 189 11.96 -18.78 3.08
C GLN A 189 11.27 -20.13 2.79
N ASN A 190 10.89 -20.33 1.53
N ASN A 190 10.91 -20.33 1.52
CA ASN A 190 10.57 -21.66 1.02
CA ASN A 190 10.54 -21.64 0.97
C ASN A 190 9.28 -22.21 1.61
C ASN A 190 9.28 -22.20 1.60
N GLY A 191 8.18 -21.53 1.34
CA GLY A 191 6.91 -21.96 1.86
C GLY A 191 5.66 -21.61 1.05
N ASP A 192 4.56 -21.99 1.66
CA ASP A 192 3.26 -21.64 1.22
C ASP A 192 2.53 -21.27 2.48
N VAL A 193 2.56 -20.00 2.82
CA VAL A 193 2.00 -19.58 4.10
C VAL A 193 1.06 -18.36 3.97
N THR A 194 0.35 -18.07 5.07
CA THR A 194 -0.58 -16.98 5.04
C THR A 194 0.18 -15.68 5.34
N TRP A 195 0.94 -15.75 6.41
CA TRP A 195 1.81 -14.66 6.87
C TRP A 195 3.18 -15.25 7.26
N ALA A 196 4.23 -14.40 7.30
CA ALA A 196 5.49 -14.79 7.92
C ALA A 196 5.45 -14.33 9.39
N ILE A 197 5.01 -13.12 9.61
CA ILE A 197 5.02 -12.52 10.94
C ILE A 197 3.75 -11.77 11.18
N THR A 198 3.16 -11.94 12.36
CA THR A 198 2.11 -11.06 12.76
C THR A 198 2.44 -10.41 14.08
N LEU A 199 2.04 -9.15 14.20
CA LEU A 199 2.37 -8.32 15.36
C LEU A 199 1.08 -7.88 16.02
N GLY A 200 0.89 -8.21 17.28
CA GLY A 200 -0.28 -7.69 17.98
C GLY A 200 -1.50 -8.54 17.74
N TRP A 201 -2.59 -8.20 18.42
CA TRP A 201 -3.85 -8.87 18.20
C TRP A 201 -4.97 -7.85 18.40
N ASN A 202 -5.67 -7.52 17.30
CA ASN A 202 -6.84 -6.63 17.35
C ASN A 202 -6.61 -5.40 18.20
N GLY A 203 -5.46 -4.78 17.97
CA GLY A 203 -5.05 -3.55 18.63
C GLY A 203 -4.32 -3.66 19.94
N TYR A 204 -4.24 -4.86 20.51
CA TYR A 204 -3.52 -5.07 21.75
C TYR A 204 -2.09 -5.36 21.37
N GLY A 205 -1.21 -4.57 21.98
CA GLY A 205 0.22 -4.64 21.77
C GLY A 205 0.74 -3.25 21.59
N SER A 206 2.06 -3.17 21.46
CA SER A 206 2.75 -1.94 21.21
C SER A 206 4.23 -2.16 20.91
N ASN A 207 4.83 -1.24 20.20
CA ASN A 207 6.29 -1.28 19.98
C ASN A 207 6.79 -2.62 19.52
N CYS A 208 6.13 -3.11 18.47
CA CYS A 208 6.61 -4.28 17.77
C CYS A 208 7.19 -3.97 16.40
N TYR A 209 8.30 -4.60 16.02
CA TYR A 209 8.99 -4.20 14.83
C TYR A 209 9.60 -5.39 14.11
N VAL A 210 9.73 -5.23 12.80
CA VAL A 210 10.40 -6.15 11.91
C VAL A 210 11.41 -5.33 11.09
N ARG A 211 12.67 -5.67 11.28
CA ARG A 211 13.79 -4.91 10.74
C ARG A 211 14.85 -5.83 10.10
N LYS A 212 15.30 -5.44 8.92
CA LYS A 212 16.40 -6.13 8.21
C LYS A 212 16.17 -7.61 8.05
N CYS A 213 14.91 -8.01 7.87
CA CYS A 213 14.58 -9.38 7.57
C CYS A 213 14.40 -9.59 6.09
N ARG A 214 14.53 -10.85 5.66
CA ARG A 214 14.30 -11.22 4.25
C ARG A 214 13.14 -12.24 4.20
N PHE A 215 12.28 -12.12 3.24
CA PHE A 215 11.14 -13.02 3.06
C PHE A 215 11.19 -13.46 1.59
N ILE A 216 11.49 -14.71 1.38
CA ILE A 216 11.76 -15.22 0.05
C ILE A 216 10.91 -16.44 -0.26
N ASN A 217 10.14 -16.32 -1.31
CA ASN A 217 9.33 -17.44 -1.86
C ASN A 217 8.41 -18.13 -0.85
N LEU A 218 7.45 -17.37 -0.33
CA LEU A 218 6.55 -17.79 0.74
C LEU A 218 5.12 -18.03 0.29
N VAL A 219 4.90 -18.03 -1.01
CA VAL A 219 3.63 -18.54 -1.63
C VAL A 219 4.04 -19.48 -2.75
N ASN A 220 3.43 -20.64 -2.87
CA ASN A 220 3.84 -21.54 -3.97
C ASN A 220 2.71 -22.35 -4.62
N SER A 221 1.45 -22.13 -4.24
CA SER A 221 0.40 -23.00 -4.76
C SER A 221 -0.93 -22.28 -5.02
N SER A 222 -1.80 -22.90 -5.82
CA SER A 222 -3.14 -22.32 -6.11
C SER A 222 -4.09 -22.51 -4.93
N VAL A 223 -3.71 -23.36 -3.98
CA VAL A 223 -4.53 -23.60 -2.81
C VAL A 223 -4.51 -22.42 -1.84
N ASN A 224 -3.37 -21.74 -1.77
CA ASN A 224 -3.18 -20.65 -0.82
C ASN A 224 -4.23 -19.59 -1.06
N ALA A 225 -5.07 -19.30 -0.07
CA ALA A 225 -6.11 -18.27 -0.28
C ALA A 225 -5.61 -16.85 -0.43
N ALA A 226 -4.59 -16.48 0.34
CA ALA A 226 -4.17 -15.08 0.50
C ALA A 226 -2.95 -15.02 1.33
N HIS A 227 -2.15 -13.98 1.08
CA HIS A 227 -0.91 -13.86 1.78
C HIS A 227 -0.55 -12.43 2.02
N SER A 228 -0.28 -12.05 3.28
N SER A 228 -0.23 -12.12 3.28
CA SER A 228 0.41 -10.77 3.59
CA SER A 228 0.38 -10.86 3.69
C SER A 228 1.63 -11.10 4.51
C SER A 228 1.65 -11.17 4.52
N THR A 229 2.83 -10.73 4.06
CA THR A 229 4.04 -11.17 4.71
C THR A 229 4.17 -10.73 6.17
N VAL A 230 3.85 -9.48 6.43
CA VAL A 230 3.79 -8.95 7.79
C VAL A 230 2.47 -8.26 8.03
N TYR A 231 1.74 -8.71 9.07
CA TYR A 231 0.49 -8.10 9.43
C TYR A 231 0.70 -7.36 10.76
N VAL A 232 0.57 -6.05 10.71
CA VAL A 232 0.76 -5.19 11.85
C VAL A 232 -0.58 -4.84 12.49
N ASN A 233 -0.84 -5.49 13.63
CA ASN A 233 -2.12 -5.37 14.29
C ASN A 233 -2.05 -4.86 15.72
N CYS A 234 -1.08 -4.02 15.98
CA CYS A 234 -0.95 -3.27 17.19
C CYS A 234 -0.26 -1.92 16.86
N PRO A 235 -0.57 -0.87 17.63
CA PRO A 235 -0.01 0.45 17.36
C PRO A 235 1.47 0.58 17.71
N TYR A 236 2.02 1.72 17.29
CA TYR A 236 3.41 2.13 17.65
C TYR A 236 4.41 1.03 17.22
N SER A 237 4.20 0.53 15.98
CA SER A 237 4.84 -0.71 15.43
C SER A 237 5.10 -0.53 13.95
N GLY A 238 5.99 -1.31 13.37
CA GLY A 238 6.28 -1.14 11.98
C GLY A 238 7.31 -2.06 11.39
N VAL A 239 7.54 -1.83 10.11
CA VAL A 239 8.45 -2.66 9.31
C VAL A 239 9.47 -1.69 8.68
N GLU A 240 10.74 -1.96 8.81
CA GLU A 240 11.74 -1.16 8.15
C GLU A 240 12.90 -1.94 7.59
N SER A 241 13.40 -1.48 6.46
CA SER A 241 14.63 -2.01 5.83
C SER A 241 14.59 -3.52 5.63
N CYS A 242 13.46 -4.03 5.10
CA CYS A 242 13.28 -5.43 4.80
C CYS A 242 13.31 -5.68 3.33
N TYR A 243 13.46 -6.96 3.01
CA TYR A 243 13.47 -7.41 1.60
C TYR A 243 12.41 -8.49 1.41
N PHE A 244 11.59 -8.32 0.37
CA PHE A 244 10.48 -9.25 0.10
C PHE A 244 10.55 -9.69 -1.37
N SER A 245 10.58 -10.99 -1.62
CA SER A 245 10.64 -11.52 -2.97
C SER A 245 9.79 -12.78 -3.12
N MET A 246 9.04 -12.81 -4.22
CA MET A 246 8.23 -13.98 -4.63
C MET A 246 8.55 -14.27 -6.09
N SER A 247 8.50 -15.55 -6.45
CA SER A 247 8.73 -16.01 -7.85
C SER A 247 7.49 -16.72 -8.41
N SER A 248 6.54 -17.08 -7.57
N SER A 248 6.55 -17.12 -7.56
CA SER A 248 5.38 -17.84 -8.02
CA SER A 248 5.39 -17.87 -8.07
C SER A 248 4.40 -16.96 -8.79
C SER A 248 4.38 -16.98 -8.76
N SER A 249 3.71 -17.57 -9.76
CA SER A 249 2.67 -16.88 -10.47
C SER A 249 1.61 -16.51 -9.46
N PHE A 250 1.35 -17.39 -8.52
CA PHE A 250 0.20 -17.18 -7.62
C PHE A 250 0.42 -15.96 -6.75
N ALA A 251 1.66 -15.69 -6.38
CA ALA A 251 1.98 -14.50 -5.57
C ALA A 251 1.59 -13.22 -6.24
N ARG A 252 1.65 -13.17 -7.56
CA ARG A 252 1.26 -11.96 -8.31
C ARG A 252 -0.21 -11.63 -8.27
N ASN A 253 -0.98 -12.58 -7.83
CA ASN A 253 -2.40 -12.43 -7.70
C ASN A 253 -2.88 -12.38 -6.27
N ILE A 254 -2.16 -12.99 -5.32
CA ILE A 254 -2.64 -13.07 -3.96
C ILE A 254 -1.79 -12.37 -2.86
N ALA A 255 -0.52 -12.07 -3.13
CA ALA A 255 0.40 -11.68 -2.05
C ALA A 255 0.62 -10.21 -1.89
N CYS A 256 0.57 -9.76 -0.64
CA CYS A 256 0.88 -8.41 -0.22
C CYS A 256 2.08 -8.39 0.73
N SER A 257 2.92 -7.35 0.72
CA SER A 257 4.06 -7.41 1.56
C SER A 257 3.74 -7.07 3.03
N VAL A 258 2.97 -6.03 3.26
CA VAL A 258 2.70 -5.54 4.61
C VAL A 258 1.22 -5.12 4.77
N ALA A 259 0.68 -5.28 5.97
CA ALA A 259 -0.67 -4.77 6.36
C ALA A 259 -0.46 -3.86 7.54
N LEU A 260 -0.78 -2.59 7.42
CA LEU A 260 -0.77 -1.65 8.55
C LEU A 260 -2.20 -1.41 9.04
N HIS A 261 -2.56 -1.99 10.16
CA HIS A 261 -3.94 -2.06 10.57
C HIS A 261 -4.27 -1.40 11.89
N GLN A 262 -3.30 -0.64 12.43
CA GLN A 262 -3.55 0.13 13.65
C GLN A 262 -2.76 1.41 13.59
N HIS A 263 -3.11 2.32 14.49
CA HIS A 263 -2.51 3.64 14.47
C HIS A 263 -1.02 3.66 14.76
N ASP A 264 -0.40 4.71 14.25
CA ASP A 264 0.99 4.99 14.50
C ASP A 264 1.86 3.81 14.06
N THR A 265 1.67 3.40 12.81
CA THR A 265 2.40 2.31 12.22
C THR A 265 3.02 2.78 10.90
N PHE A 266 4.09 2.09 10.52
CA PHE A 266 4.92 2.50 9.43
C PHE A 266 5.47 1.33 8.63
N TYR A 267 5.82 1.63 7.39
CA TYR A 267 6.44 0.67 6.50
C TYR A 267 7.42 1.48 5.69
N ARG A 268 8.71 1.26 5.92
N ARG A 268 8.71 1.30 5.94
CA ARG A 268 9.74 2.09 5.32
CA ARG A 268 9.70 2.15 5.30
C ARG A 268 10.92 1.34 4.75
C ARG A 268 10.97 1.43 4.82
N GLY A 269 11.57 2.00 3.79
CA GLY A 269 12.90 1.60 3.38
C GLY A 269 13.02 0.19 2.88
N SER A 270 11.92 -0.40 2.41
CA SER A 270 11.96 -1.78 2.02
C SER A 270 11.92 -1.96 0.53
N THR A 271 12.33 -3.15 0.11
CA THR A 271 12.29 -3.52 -1.31
C THR A 271 11.43 -4.76 -1.54
N VAL A 272 10.55 -4.68 -2.52
CA VAL A 272 9.54 -5.69 -2.85
C VAL A 272 9.69 -6.06 -4.31
N ASN A 273 9.68 -7.38 -4.57
CA ASN A 273 9.58 -7.89 -5.95
C ASN A 273 8.66 -9.10 -6.05
N GLY A 274 7.75 -9.13 -7.03
CA GLY A 274 7.03 -10.38 -7.39
C GLY A 274 5.69 -10.50 -6.68
N TYR A 275 5.29 -9.47 -5.94
CA TYR A 275 4.08 -9.43 -5.14
C TYR A 275 2.94 -8.80 -5.96
N CYS A 276 1.72 -9.15 -5.58
CA CYS A 276 0.55 -8.49 -6.11
C CYS A 276 0.48 -7.06 -5.56
N ARG A 277 0.67 -6.94 -4.24
CA ARG A 277 0.43 -5.72 -3.51
C ARG A 277 1.57 -5.30 -2.62
N GLY A 278 1.62 -3.99 -2.37
CA GLY A 278 2.68 -3.41 -1.51
C GLY A 278 2.24 -3.41 -0.04
N ALA A 279 1.26 -2.58 0.26
CA ALA A 279 0.68 -2.49 1.62
C ALA A 279 -0.82 -2.22 1.70
N TYR A 280 -1.52 -2.95 2.56
CA TYR A 280 -2.82 -2.51 3.06
C TYR A 280 -2.64 -1.46 4.19
N VAL A 281 -3.44 -0.40 4.13
CA VAL A 281 -3.56 0.61 5.22
C VAL A 281 -5.04 0.71 5.51
N VAL A 282 -5.45 0.10 6.62
CA VAL A 282 -6.84 -0.28 6.81
C VAL A 282 -7.20 -0.15 8.27
N MET A 283 -8.41 0.32 8.55
CA MET A 283 -9.06 0.15 9.89
C MET A 283 -10.28 -0.78 9.77
N HIS A 284 -10.08 -2.03 10.15
CA HIS A 284 -11.20 -3.01 10.21
C HIS A 284 -11.90 -2.77 11.56
N ALA A 285 -13.18 -2.46 11.52
CA ALA A 285 -13.98 -2.41 12.73
C ALA A 285 -13.83 -3.67 13.62
N ALA A 286 -13.75 -4.83 12.98
CA ALA A 286 -13.58 -6.08 13.70
C ALA A 286 -12.30 -6.19 14.49
N GLU A 287 -11.32 -5.28 14.26
CA GLU A 287 -10.02 -5.33 14.90
C GLU A 287 -9.79 -4.17 15.84
N ALA A 288 -10.88 -3.47 16.16
CA ALA A 288 -10.80 -2.24 16.98
C ALA A 288 -10.77 -2.33 18.51
N ALA A 289 -10.69 -3.52 19.08
CA ALA A 289 -10.78 -3.70 20.50
C ALA A 289 -9.66 -3.06 21.30
N GLY A 290 -8.43 -3.27 20.86
CA GLY A 290 -7.27 -2.95 21.68
C GLY A 290 -6.84 -1.50 21.66
N ALA A 291 -7.04 -0.79 20.57
CA ALA A 291 -6.46 0.54 20.40
C ALA A 291 -7.44 1.55 19.77
N GLY A 292 -8.75 1.25 19.83
CA GLY A 292 -9.72 2.16 19.25
C GLY A 292 -10.07 1.94 17.81
N SER A 293 -11.03 2.76 17.36
N SER A 293 -11.02 2.72 17.32
CA SER A 293 -11.71 2.60 16.09
CA SER A 293 -11.58 2.46 15.99
C SER A 293 -11.10 3.41 14.95
C SER A 293 -11.09 3.41 14.93
N TYR A 294 -9.96 4.05 15.20
CA TYR A 294 -9.28 4.89 14.26
C TYR A 294 -7.89 4.39 13.95
N ALA A 295 -7.59 4.23 12.64
CA ALA A 295 -6.23 4.09 12.18
C ALA A 295 -5.78 5.44 11.71
N TYR A 296 -4.80 6.02 12.42
CA TYR A 296 -4.27 7.32 12.07
C TYR A 296 -2.76 7.29 12.29
N ASN A 297 -2.08 8.26 11.69
CA ASN A 297 -0.61 8.27 11.70
C ASN A 297 0.00 7.02 11.03
N MET A 298 -0.37 6.84 9.77
CA MET A 298 0.01 5.71 9.01
C MET A 298 1.03 6.17 7.97
N GLN A 299 2.15 5.49 7.92
CA GLN A 299 3.26 6.00 7.10
C GLN A 299 3.84 4.92 6.20
N VAL A 300 3.84 5.16 4.88
CA VAL A 300 4.46 4.30 3.87
C VAL A 300 5.45 5.11 3.08
N GLU A 301 6.74 4.90 3.31
CA GLU A 301 7.78 5.81 2.85
C GLU A 301 9.05 5.17 2.38
N ASN A 302 9.54 5.66 1.26
CA ASN A 302 10.89 5.32 0.80
C ASN A 302 11.12 3.84 0.48
N ASN A 303 10.07 3.19 -0.03
CA ASN A 303 10.10 1.82 -0.50
C ASN A 303 10.34 1.75 -1.98
N ILE A 304 10.87 0.61 -2.38
CA ILE A 304 11.10 0.24 -3.78
C ILE A 304 10.29 -1.00 -4.09
N ALA A 305 9.49 -0.97 -5.15
CA ALA A 305 8.62 -2.10 -5.42
C ALA A 305 8.42 -2.41 -6.88
N VAL A 306 8.40 -3.70 -7.20
CA VAL A 306 7.86 -4.17 -8.49
C VAL A 306 6.73 -5.10 -8.08
N ILE A 307 5.52 -4.72 -8.46
CA ILE A 307 4.31 -5.44 -8.10
C ILE A 307 3.45 -5.67 -9.32
N TYR A 308 2.35 -6.39 -9.15
CA TYR A 308 1.48 -6.70 -10.28
C TYR A 308 0.06 -6.13 -10.16
N GLY A 309 -0.32 -5.72 -8.95
CA GLY A 309 -1.65 -5.16 -8.68
C GLY A 309 -1.50 -3.75 -8.09
N GLN A 310 -1.84 -3.59 -6.81
CA GLN A 310 -1.89 -2.25 -6.22
C GLN A 310 -0.87 -1.99 -5.15
N PHE A 311 -0.28 -0.79 -5.16
CA PHE A 311 0.81 -0.53 -4.25
C PHE A 311 0.31 -0.30 -2.84
N VAL A 312 -0.50 0.72 -2.67
CA VAL A 312 -1.18 0.99 -1.36
C VAL A 312 -2.65 0.86 -1.46
N ILE A 313 -3.23 0.08 -0.58
CA ILE A 313 -4.70 -0.08 -0.55
C ILE A 313 -5.27 0.53 0.75
N LEU A 314 -6.14 1.52 0.58
CA LEU A 314 -6.78 2.27 1.67
C LEU A 314 -8.19 1.73 1.90
N GLY A 315 -8.57 1.56 3.16
CA GLY A 315 -9.93 1.12 3.47
C GLY A 315 -10.31 1.28 4.90
N SER A 316 -11.64 1.28 5.13
CA SER A 316 -12.17 1.17 6.46
C SER A 316 -13.59 0.61 6.33
N ASP A 317 -14.05 -0.02 7.43
CA ASP A 317 -15.31 -0.71 7.39
C ASP A 317 -15.99 -0.75 8.74
N VAL A 318 -17.10 -1.43 8.80
CA VAL A 318 -17.97 -1.42 9.97
C VAL A 318 -18.44 -2.82 10.40
N THR A 319 -18.85 -2.93 11.67
CA THR A 319 -19.53 -4.13 12.15
C THR A 319 -20.86 -3.62 12.67
N ALA A 320 -21.63 -4.53 13.25
CA ALA A 320 -22.93 -4.18 13.76
C ALA A 320 -22.83 -3.06 14.75
N THR A 321 -21.74 -3.01 15.52
CA THR A 321 -21.61 -2.04 16.63
C THR A 321 -20.37 -1.14 16.61
N VAL A 322 -19.49 -1.30 15.66
CA VAL A 322 -18.26 -0.47 15.60
C VAL A 322 -18.10 0.03 14.17
N SER A 323 -17.61 1.27 14.03
CA SER A 323 -17.24 1.78 12.73
C SER A 323 -15.79 2.17 12.70
N GLY A 324 -15.08 1.67 11.70
CA GLY A 324 -13.70 1.98 11.45
C GLY A 324 -13.49 3.27 10.67
N HIS A 325 -12.44 4.00 11.04
CA HIS A 325 -12.08 5.25 10.38
C HIS A 325 -10.60 5.26 10.08
N LEU A 326 -10.26 5.80 8.95
CA LEU A 326 -8.86 5.87 8.48
C LEU A 326 -8.54 7.31 8.17
N ASN A 327 -7.52 7.85 8.83
CA ASN A 327 -7.17 9.25 8.57
C ASN A 327 -5.77 9.53 8.97
N ASP A 328 -5.21 10.60 8.41
CA ASP A 328 -3.82 11.05 8.72
C ASP A 328 -2.83 10.00 8.27
N VAL A 329 -2.73 9.91 6.97
CA VAL A 329 -1.93 8.89 6.27
C VAL A 329 -0.91 9.67 5.42
N ILE A 330 0.31 9.18 5.33
CA ILE A 330 1.28 9.75 4.40
C ILE A 330 1.92 8.62 3.60
N VAL A 331 2.01 8.85 2.29
CA VAL A 331 2.63 7.94 1.31
C VAL A 331 3.61 8.76 0.53
N SER A 332 4.87 8.55 0.76
N SER A 332 4.88 8.55 0.78
CA SER A 332 5.89 9.42 0.18
CA SER A 332 5.93 9.45 0.27
C SER A 332 7.16 8.69 -0.18
C SER A 332 7.27 8.81 -0.06
N GLY A 333 7.86 9.24 -1.17
CA GLY A 333 9.18 8.82 -1.52
C GLY A 333 9.36 7.42 -2.09
N ASN A 334 8.26 6.76 -2.43
CA ASN A 334 8.27 5.39 -2.91
C ASN A 334 8.48 5.39 -4.42
N ILE A 335 9.20 4.39 -4.93
CA ILE A 335 9.39 4.23 -6.36
C ILE A 335 8.83 2.83 -6.67
N VAL A 336 7.81 2.80 -7.50
CA VAL A 336 7.01 1.62 -7.73
C VAL A 336 6.74 1.45 -9.19
N SER A 337 6.70 0.17 -9.60
CA SER A 337 6.36 -0.15 -10.95
C SER A 337 5.49 -1.40 -10.97
N ILE A 338 4.59 -1.46 -11.94
CA ILE A 338 3.95 -2.72 -12.36
C ILE A 338 4.93 -3.46 -13.27
N GLY A 339 5.27 -4.67 -12.84
CA GLY A 339 6.09 -5.55 -13.62
C GLY A 339 5.48 -5.97 -14.94
N GLU A 340 6.33 -6.50 -15.78
CA GLU A 340 5.96 -6.88 -17.12
C GLU A 340 4.85 -7.95 -17.04
N ARG A 341 3.72 -7.60 -17.63
CA ARG A 341 2.56 -8.53 -17.69
C ARG A 341 1.53 -8.09 -18.70
N ALA A 342 0.67 -9.03 -19.13
CA ALA A 342 -0.41 -8.68 -20.02
C ALA A 342 -1.45 -7.84 -19.35
N ALA A 343 -2.12 -7.03 -20.14
CA ALA A 343 -3.24 -6.29 -19.61
C ALA A 343 -4.28 -7.26 -19.07
N PHE A 344 -4.79 -6.92 -17.88
CA PHE A 344 -5.86 -7.63 -17.18
C PHE A 344 -5.47 -9.02 -16.65
N SER A 345 -4.17 -9.32 -16.69
CA SER A 345 -3.69 -10.65 -16.25
C SER A 345 -3.49 -10.82 -14.75
N ALA A 346 -3.69 -9.75 -14.00
CA ALA A 346 -3.50 -9.76 -12.55
C ALA A 346 -4.47 -8.68 -12.07
N PRO A 347 -4.65 -8.54 -10.77
CA PRO A 347 -5.57 -7.49 -10.28
C PRO A 347 -5.12 -6.07 -10.74
N PHE A 348 -6.09 -5.17 -10.86
CA PHE A 348 -5.94 -3.94 -11.63
C PHE A 348 -4.80 -3.15 -11.06
N GLY A 349 -3.88 -2.77 -11.93
CA GLY A 349 -2.71 -2.02 -11.49
C GLY A 349 -3.00 -0.65 -10.94
N ALA A 350 -2.43 -0.31 -9.82
CA ALA A 350 -2.69 1.01 -9.19
C ALA A 350 -1.63 1.40 -8.23
N PHE A 351 -1.41 2.70 -8.11
CA PHE A 351 -0.51 3.21 -7.06
C PHE A 351 -1.28 3.28 -5.74
N ILE A 352 -2.41 3.97 -5.79
CA ILE A 352 -3.40 3.97 -4.67
C ILE A 352 -4.67 3.28 -5.10
N ASP A 353 -5.23 2.43 -4.21
CA ASP A 353 -6.53 1.84 -4.46
C ASP A 353 -7.39 2.19 -3.27
N ILE A 354 -8.58 2.71 -3.52
CA ILE A 354 -9.57 2.93 -2.44
C ILE A 354 -10.44 1.72 -2.57
N GLY A 355 -10.25 0.76 -1.66
CA GLY A 355 -10.86 -0.55 -1.86
C GLY A 355 -12.14 -0.78 -1.10
N PRO A 356 -13.21 -1.31 -1.77
CA PRO A 356 -14.45 -1.72 -1.11
C PRO A 356 -14.19 -2.83 -0.06
N ASP A 357 -15.12 -3.00 0.87
CA ASP A 357 -14.87 -3.93 1.96
C ASP A 357 -14.89 -5.39 1.44
N ASN A 358 -14.62 -6.35 2.36
CA ASN A 358 -14.48 -7.75 1.95
C ASN A 358 -15.74 -8.33 1.37
N SER A 359 -16.88 -7.68 1.64
N SER A 359 -16.89 -7.68 1.65
CA SER A 359 -18.17 -8.04 1.02
CA SER A 359 -18.17 -8.03 1.04
C SER A 359 -18.48 -7.21 -0.22
C SER A 359 -18.46 -7.23 -0.23
N GLY A 360 -17.57 -6.33 -0.62
CA GLY A 360 -17.76 -5.52 -1.84
C GLY A 360 -18.48 -4.20 -1.61
N ALA A 361 -18.84 -3.88 -0.38
CA ALA A 361 -19.52 -2.60 -0.11
C ALA A 361 -18.64 -1.38 -0.28
N SER A 362 -19.19 -0.36 -0.91
CA SER A 362 -18.39 0.86 -1.17
C SER A 362 -18.97 2.05 -0.43
N ASN A 363 -19.87 1.77 0.52
CA ASN A 363 -20.54 2.84 1.23
C ASN A 363 -20.41 2.76 2.75
N VAL A 364 -19.32 2.18 3.19
CA VAL A 364 -19.02 2.04 4.60
C VAL A 364 -17.78 2.81 5.02
N GLN A 365 -16.98 3.27 4.05
CA GLN A 365 -15.67 3.77 4.33
C GLN A 365 -15.68 5.19 4.93
N ASP A 366 -14.65 5.51 5.72
CA ASP A 366 -14.45 6.88 6.25
C ASP A 366 -12.94 7.17 6.24
N ILE A 367 -12.48 7.49 5.03
CA ILE A 367 -11.05 7.64 4.69
C ILE A 367 -10.82 9.11 4.35
N GLN A 368 -9.93 9.74 5.09
CA GLN A 368 -9.67 11.16 4.83
C GLN A 368 -8.27 11.58 5.32
N ARG A 369 -7.90 12.82 4.99
CA ARG A 369 -6.63 13.41 5.39
C ARG A 369 -5.48 12.46 5.06
N VAL A 370 -5.40 12.10 3.79
CA VAL A 370 -4.33 11.32 3.20
C VAL A 370 -3.43 12.21 2.33
N LEU A 371 -2.12 12.12 2.49
CA LEU A 371 -1.18 12.86 1.64
C LEU A 371 -0.31 11.88 0.87
N VAL A 372 -0.40 11.95 -0.46
CA VAL A 372 0.43 11.17 -1.42
C VAL A 372 1.34 12.11 -2.19
N THR A 373 2.62 12.05 -1.83
CA THR A 373 3.58 13.09 -2.27
C THR A 373 4.99 12.58 -2.58
N GLY A 374 5.54 13.03 -3.70
CA GLY A 374 6.91 12.74 -3.98
C GLY A 374 7.19 11.29 -4.27
N ASN A 375 6.22 10.58 -4.86
CA ASN A 375 6.40 9.20 -5.32
C ASN A 375 6.58 9.15 -6.83
N SER A 376 7.18 8.07 -7.29
N SER A 376 7.19 8.08 -7.32
CA SER A 376 7.16 7.72 -8.72
CA SER A 376 7.17 7.79 -8.78
C SER A 376 6.42 6.40 -8.96
C SER A 376 6.57 6.41 -9.07
N PHE A 377 5.64 6.36 -10.04
CA PHE A 377 4.90 5.14 -10.48
C PHE A 377 5.07 4.98 -11.96
N TYR A 378 5.31 3.76 -12.37
CA TYR A 378 5.43 3.43 -13.77
C TYR A 378 4.76 2.12 -14.09
N ALA A 379 4.01 2.08 -15.17
CA ALA A 379 3.55 0.83 -15.80
C ALA A 379 3.85 0.79 -17.29
N PRO A 380 4.31 -0.38 -17.76
CA PRO A 380 4.55 -0.55 -19.20
C PRO A 380 3.30 -0.25 -20.06
N ALA A 381 3.57 0.22 -21.27
CA ALA A 381 2.59 0.86 -22.15
C ALA A 381 1.45 -0.06 -22.48
N ASN A 382 1.65 -1.37 -22.45
CA ASN A 382 0.57 -2.26 -22.84
C ASN A 382 -0.48 -2.47 -21.73
N ILE A 383 -0.18 -2.05 -20.51
CA ILE A 383 -1.00 -2.43 -19.33
C ILE A 383 -2.12 -1.38 -19.15
N THR A 384 -3.21 -1.69 -19.83
CA THR A 384 -4.40 -0.88 -19.86
C THR A 384 -4.90 -0.64 -18.42
N ASP A 385 -4.83 -1.71 -17.59
CA ASP A 385 -5.32 -1.68 -16.21
C ASP A 385 -4.20 -1.18 -15.32
N SER A 386 -3.88 0.10 -15.48
CA SER A 386 -2.89 0.79 -14.62
C SER A 386 -3.39 2.23 -14.37
N ALA A 387 -3.42 2.65 -13.08
CA ALA A 387 -3.96 3.97 -12.66
C ALA A 387 -3.13 4.49 -11.52
N ALA A 388 -2.96 5.82 -11.45
CA ALA A 388 -2.45 6.44 -10.23
C ALA A 388 -3.35 6.13 -8.99
N ILE A 389 -4.65 6.28 -9.19
CA ILE A 389 -5.66 5.92 -8.22
C ILE A 389 -6.85 5.26 -8.85
N THR A 390 -7.14 4.07 -8.35
CA THR A 390 -8.44 3.41 -8.63
C THR A 390 -9.31 3.73 -7.43
N LEU A 391 -10.26 4.59 -7.67
CA LEU A 391 -11.12 5.17 -6.62
C LEU A 391 -12.47 4.42 -6.69
N ARG A 392 -12.54 3.32 -5.95
CA ARG A 392 -13.65 2.34 -6.09
C ARG A 392 -14.61 2.34 -4.93
N ALA A 393 -14.35 3.14 -3.90
CA ALA A 393 -15.26 3.23 -2.78
C ALA A 393 -15.32 4.65 -2.30
N ASN A 394 -16.31 4.94 -1.46
CA ASN A 394 -16.43 6.28 -0.93
C ASN A 394 -15.13 6.81 -0.37
N LEU A 395 -14.85 8.06 -0.70
CA LEU A 395 -13.62 8.73 -0.25
C LEU A 395 -13.94 10.08 0.35
N ASN A 396 -13.50 10.30 1.59
CA ASN A 396 -13.74 11.60 2.25
C ASN A 396 -12.53 12.54 2.16
N GLY A 397 -11.41 12.06 1.63
CA GLY A 397 -10.35 12.95 1.15
C GLY A 397 -9.05 12.26 0.85
N CYS A 398 -8.35 12.71 -0.20
CA CYS A 398 -7.01 12.26 -0.49
C CYS A 398 -6.31 13.35 -1.32
N THR A 399 -5.12 13.69 -0.94
CA THR A 399 -4.35 14.78 -1.56
C THR A 399 -3.11 14.24 -2.28
N PHE A 400 -2.96 14.64 -3.52
CA PHE A 400 -1.81 14.28 -4.34
C PHE A 400 -1.03 15.53 -4.69
N ILE A 401 0.24 15.53 -4.27
CA ILE A 401 1.14 16.60 -4.61
C ILE A 401 2.52 16.10 -5.09
N ALA A 402 3.01 16.69 -6.19
CA ALA A 402 4.40 16.45 -6.58
C ALA A 402 4.76 14.98 -6.70
N ASN A 403 3.89 14.21 -7.34
CA ASN A 403 4.19 12.85 -7.79
C ASN A 403 4.49 12.84 -9.27
N ASN A 404 5.05 11.73 -9.74
CA ASN A 404 5.30 11.49 -11.18
C ASN A 404 4.58 10.15 -11.48
N PHE A 405 3.47 10.21 -12.19
CA PHE A 405 2.66 9.03 -12.52
C PHE A 405 2.73 8.78 -14.02
N ASP A 406 3.23 7.60 -14.37
CA ASP A 406 3.41 7.23 -15.75
C ASP A 406 2.73 5.90 -16.00
N CYS A 407 1.43 6.00 -16.25
CA CYS A 407 0.60 4.82 -16.47
C CYS A 407 -0.61 5.18 -17.31
N ARG A 408 -1.57 4.26 -17.44
CA ARG A 408 -2.67 4.47 -18.41
C ARG A 408 -3.66 5.55 -18.01
N TYR A 409 -4.13 5.45 -16.79
CA TYR A 409 -5.05 6.39 -16.18
C TYR A 409 -4.44 7.17 -15.06
N MET A 410 -4.93 8.37 -14.84
CA MET A 410 -4.60 9.10 -13.59
C MET A 410 -5.67 8.73 -12.52
N VAL A 411 -6.88 9.19 -12.71
CA VAL A 411 -7.99 8.78 -11.85
C VAL A 411 -8.90 7.82 -12.62
N TYR A 412 -9.23 6.69 -12.01
CA TYR A 412 -10.07 5.73 -12.64
C TYR A 412 -11.07 5.06 -11.67
N ASN A 413 -12.24 4.73 -12.22
CA ASN A 413 -13.13 3.76 -11.60
C ASN A 413 -13.96 3.19 -12.69
N ALA A 414 -14.25 1.91 -12.62
CA ALA A 414 -14.97 1.26 -13.70
C ALA A 414 -16.41 1.73 -13.76
N PRO A 415 -16.92 1.97 -14.96
CA PRO A 415 -18.27 2.43 -15.05
C PRO A 415 -19.18 1.25 -14.84
N GLY A 416 -20.42 1.48 -14.46
CA GLY A 416 -21.35 0.39 -14.18
C GLY A 416 -20.87 -0.57 -13.08
N THR A 417 -20.03 -0.10 -12.15
CA THR A 417 -19.68 -0.96 -11.01
C THR A 417 -20.22 -0.26 -9.78
N THR A 418 -19.32 0.14 -8.91
CA THR A 418 -19.61 0.95 -7.73
C THR A 418 -19.76 2.43 -8.17
N SER A 419 -20.49 3.19 -7.36
CA SER A 419 -20.58 4.63 -7.60
C SER A 419 -20.20 5.36 -6.36
N PRO A 420 -18.90 5.60 -6.22
CA PRO A 420 -18.40 6.27 -5.09
C PRO A 420 -18.83 7.68 -4.91
N VAL A 421 -19.00 8.05 -3.66
CA VAL A 421 -19.27 9.45 -3.24
C VAL A 421 -17.91 9.98 -2.89
N VAL A 422 -17.49 11.00 -3.60
CA VAL A 422 -16.12 11.57 -3.47
C VAL A 422 -16.13 12.98 -2.92
N GLN A 423 -15.32 13.19 -1.88
N GLN A 423 -15.35 13.21 -1.85
CA GLN A 423 -15.11 14.53 -1.28
CA GLN A 423 -15.11 14.56 -1.30
C GLN A 423 -13.62 14.78 -1.13
C GLN A 423 -13.62 14.78 -1.15
N ASN A 424 -13.20 16.02 -1.34
CA ASN A 424 -11.83 16.44 -1.03
C ASN A 424 -10.77 15.62 -1.71
N LEU A 425 -11.03 15.27 -2.97
CA LEU A 425 -9.95 14.74 -3.83
C LEU A 425 -9.19 15.88 -4.40
N VAL A 426 -7.93 15.96 -4.03
CA VAL A 426 -7.08 17.08 -4.48
C VAL A 426 -5.92 16.55 -5.35
N TRP A 427 -5.91 16.97 -6.60
CA TRP A 427 -4.85 16.62 -7.56
C TRP A 427 -4.18 17.88 -8.01
N ASP A 428 -3.08 18.21 -7.35
CA ASP A 428 -2.35 19.45 -7.59
C ASP A 428 -1.66 19.46 -8.95
N LYS A 429 -1.51 20.64 -9.51
CA LYS A 429 -0.83 20.84 -10.78
C LYS A 429 0.60 20.31 -10.82
N SER A 430 1.23 20.18 -9.66
CA SER A 430 2.61 19.65 -9.55
C SER A 430 2.75 18.14 -9.76
N ASN A 431 1.65 17.38 -9.91
CA ASN A 431 1.72 15.98 -10.40
C ASN A 431 2.02 15.91 -11.85
N VAL A 432 3.13 15.22 -12.17
CA VAL A 432 3.61 15.16 -13.52
C VAL A 432 3.07 13.87 -14.12
N ILE A 433 2.39 14.00 -15.27
CA ILE A 433 1.83 12.89 -16.02
C ILE A 433 2.79 12.44 -17.12
N GLY A 434 3.28 11.22 -17.02
CA GLY A 434 4.25 10.67 -18.01
C GLY A 434 3.60 10.30 -19.34
N GLY A 435 4.45 10.01 -20.29
CA GLY A 435 4.09 9.69 -21.64
C GLY A 435 4.24 8.30 -22.14
N THR A 436 4.54 7.35 -21.27
CA THR A 436 4.71 6.00 -21.71
C THR A 436 3.48 5.44 -22.45
N HIS A 437 2.27 5.83 -21.99
CA HIS A 437 1.03 5.36 -22.60
C HIS A 437 0.45 6.26 -23.74
N ALA A 438 1.22 7.26 -24.15
CA ALA A 438 0.80 8.07 -25.28
C ALA A 438 0.55 7.15 -26.48
N ASN A 439 -0.50 7.47 -27.23
CA ASN A 439 -0.99 6.70 -28.34
C ASN A 439 -1.71 5.41 -28.02
N GLN A 440 -1.87 5.06 -26.74
CA GLN A 440 -2.57 3.82 -26.38
C GLN A 440 -3.98 4.05 -25.91
N ARG A 441 -4.40 5.31 -25.87
CA ARG A 441 -5.59 5.63 -25.11
C ARG A 441 -6.86 5.82 -25.96
N ALA A 442 -6.93 5.19 -27.15
CA ALA A 442 -8.20 5.26 -27.91
C ALA A 442 -9.38 4.89 -27.03
N GLY A 443 -10.44 5.68 -27.13
CA GLY A 443 -11.65 5.37 -26.38
C GLY A 443 -11.62 5.63 -24.88
N GLN A 444 -10.54 6.20 -24.37
CA GLN A 444 -10.32 6.34 -22.95
C GLN A 444 -10.13 7.76 -22.49
N ASN A 445 -10.56 7.98 -21.22
CA ASN A 445 -10.44 9.25 -20.56
C ASN A 445 -9.30 9.23 -19.57
N LEU A 446 -8.35 10.11 -19.69
CA LEU A 446 -7.24 10.09 -18.78
C LEU A 446 -7.65 10.11 -17.27
N PHE A 447 -8.54 11.04 -16.93
CA PHE A 447 -9.20 11.09 -15.64
C PHE A 447 -10.65 10.71 -15.92
N ASP A 448 -11.02 9.49 -15.56
CA ASP A 448 -12.33 8.92 -15.88
C ASP A 448 -13.19 8.94 -14.63
N MET A 449 -14.02 10.00 -14.51
CA MET A 449 -14.64 10.35 -13.20
C MET A 449 -15.97 9.60 -13.01
N GLN A 450 -15.84 8.29 -12.82
CA GLN A 450 -17.03 7.39 -12.80
C GLN A 450 -17.55 7.21 -11.40
N PHE A 451 -18.06 8.35 -10.92
CA PHE A 451 -18.55 8.44 -9.54
C PHE A 451 -20.00 8.86 -9.45
N ALA A 452 -20.58 8.72 -8.26
CA ALA A 452 -21.91 9.24 -7.96
C ALA A 452 -21.91 10.76 -7.83
N SER A 453 -20.85 11.25 -7.20
CA SER A 453 -20.70 12.66 -6.99
C SER A 453 -19.31 13.01 -6.62
N VAL A 454 -18.96 14.24 -6.92
CA VAL A 454 -17.66 14.85 -6.59
C VAL A 454 -17.87 16.25 -6.01
N VAL A 455 -17.29 16.49 -4.87
CA VAL A 455 -17.41 17.80 -4.15
C VAL A 455 -16.12 18.17 -3.51
N ASN A 456 -15.89 19.48 -3.41
CA ASN A 456 -14.74 19.99 -2.72
C ASN A 456 -13.45 19.37 -3.23
N SER A 457 -13.38 19.18 -4.58
CA SER A 457 -12.28 18.50 -5.22
C SER A 457 -11.58 19.46 -6.20
N THR A 458 -10.32 19.15 -6.44
CA THR A 458 -9.49 19.91 -7.31
C THR A 458 -8.85 18.90 -8.27
N ILE A 459 -8.97 19.12 -9.59
CA ILE A 459 -8.17 18.35 -10.55
C ILE A 459 -7.48 19.29 -11.46
N GLU A 460 -6.18 19.47 -11.30
CA GLU A 460 -5.44 20.35 -12.21
C GLU A 460 -4.60 19.54 -13.19
N VAL A 461 -5.12 19.32 -14.38
CA VAL A 461 -4.44 18.52 -15.35
C VAL A 461 -3.32 19.30 -16.05
N GLN A 462 -2.11 18.70 -16.06
CA GLN A 462 -1.01 19.22 -16.81
C GLN A 462 -0.34 18.11 -17.60
N LEU A 463 -0.44 18.17 -18.91
CA LEU A 463 0.25 17.22 -19.72
C LEU A 463 1.72 17.62 -19.85
N SER A 464 2.58 16.68 -20.20
N SER A 464 2.55 16.64 -20.22
CA SER A 464 3.99 16.97 -20.51
CA SER A 464 3.98 16.85 -20.46
C SER A 464 4.40 16.41 -21.85
C SER A 464 4.39 16.36 -21.83
N CYS A 465 3.41 15.87 -22.58
CA CYS A 465 3.65 15.43 -23.97
C CYS A 465 2.30 15.26 -24.61
N GLU A 466 2.26 15.09 -25.92
CA GLU A 466 0.99 14.94 -26.58
C GLU A 466 0.46 13.47 -26.47
N ASP A 467 -0.85 13.31 -26.30
CA ASP A 467 -1.48 12.04 -26.56
C ASP A 467 -2.81 12.31 -27.23
N LEU A 468 -2.80 12.29 -28.54
CA LEU A 468 -3.98 12.59 -29.29
C LEU A 468 -4.90 11.37 -29.40
N SER A 469 -4.51 10.23 -28.84
CA SER A 469 -5.35 9.03 -28.93
C SER A 469 -6.47 9.07 -27.94
N MET A 470 -6.25 9.76 -26.84
CA MET A 470 -7.23 9.77 -25.76
C MET A 470 -8.51 10.51 -26.19
N PHE A 471 -9.65 10.00 -25.69
CA PHE A 471 -10.88 10.64 -25.94
C PHE A 471 -10.98 12.01 -25.29
N SER A 472 -10.54 12.10 -24.06
CA SER A 472 -10.55 13.36 -23.31
C SER A 472 -9.48 13.27 -22.24
N CYS A 473 -9.05 14.42 -21.71
CA CYS A 473 -8.21 14.50 -20.52
C CYS A 473 -9.01 14.18 -19.26
N ILE A 474 -10.23 14.66 -19.18
CA ILE A 474 -11.09 14.43 -18.02
C ILE A 474 -12.54 14.33 -18.47
N LEU A 475 -13.30 13.35 -17.98
CA LEU A 475 -14.68 13.22 -18.35
C LEU A 475 -15.53 12.89 -17.15
N PHE A 476 -16.59 13.65 -17.05
CA PHE A 476 -17.65 13.42 -16.07
C PHE A 476 -18.93 12.89 -16.75
N PRO A 477 -19.32 11.66 -16.46
CA PRO A 477 -20.66 11.21 -17.01
C PRO A 477 -21.80 12.02 -16.37
N ALA A 478 -23.00 11.96 -16.96
CA ALA A 478 -24.08 12.84 -16.55
C ALA A 478 -24.60 12.39 -15.19
N SER A 479 -24.37 11.12 -14.84
CA SER A 479 -24.76 10.63 -13.54
C SER A 479 -23.91 11.14 -12.38
N CYS A 480 -22.73 11.68 -12.65
CA CYS A 480 -21.87 12.24 -11.61
C CYS A 480 -22.22 13.70 -11.31
N GLN A 481 -22.72 13.98 -10.12
CA GLN A 481 -22.87 15.37 -9.70
C GLN A 481 -21.53 15.96 -9.42
N LEU A 482 -21.41 17.24 -9.67
CA LEU A 482 -20.13 17.93 -9.46
C LEU A 482 -20.43 19.31 -8.89
N SER A 483 -19.86 19.64 -7.75
CA SER A 483 -20.14 20.92 -7.14
C SER A 483 -18.95 21.37 -6.30
N TYR A 484 -18.86 22.65 -6.07
CA TYR A 484 -17.79 23.22 -5.25
C TYR A 484 -16.45 22.58 -5.52
N SER A 485 -16.06 22.62 -6.80
CA SER A 485 -14.88 22.01 -7.29
C SER A 485 -14.15 22.86 -8.29
N LYS A 486 -12.83 22.58 -8.43
CA LYS A 486 -12.02 23.25 -9.42
C LYS A 486 -11.43 22.22 -10.40
N ILE A 487 -11.68 22.38 -11.69
CA ILE A 487 -11.21 21.46 -12.71
C ILE A 487 -10.55 22.28 -13.81
N THR A 488 -9.26 22.08 -14.01
CA THR A 488 -8.53 22.83 -15.08
C THR A 488 -7.73 21.88 -15.90
N VAL A 489 -7.62 22.24 -17.19
CA VAL A 489 -6.77 21.57 -18.16
C VAL A 489 -5.83 22.62 -18.75
N ASP A 490 -4.54 22.50 -18.47
CA ASP A 490 -3.55 23.41 -19.03
C ASP A 490 -3.52 23.20 -20.52
N SER A 491 -3.30 24.26 -21.29
CA SER A 491 -3.35 24.11 -22.72
C SER A 491 -2.14 23.40 -23.36
N ALA A 492 -1.04 23.22 -22.63
CA ALA A 492 0.18 22.73 -23.32
C ALA A 492 -0.08 21.31 -23.83
N TRP A 493 0.34 21.04 -25.08
CA TRP A 493 0.21 19.75 -25.79
C TRP A 493 -1.25 19.39 -26.09
N THR A 494 -2.17 20.37 -25.90
CA THR A 494 -3.61 20.11 -26.21
C THR A 494 -4.17 20.77 -27.46
N LYS A 495 -3.36 21.48 -28.26
CA LYS A 495 -3.94 22.24 -29.36
C LYS A 495 -4.72 21.38 -30.34
N SER A 496 -4.25 20.16 -30.60
CA SER A 496 -4.92 19.27 -31.58
C SER A 496 -5.98 18.32 -30.97
N MET A 497 -6.32 18.49 -29.71
CA MET A 497 -7.31 17.62 -29.09
C MET A 497 -8.71 18.10 -29.38
N SER A 498 -9.52 17.18 -29.88
N SER A 498 -9.58 17.23 -29.89
CA SER A 498 -10.94 17.39 -30.06
CA SER A 498 -10.97 17.66 -30.09
C SER A 498 -11.70 17.74 -28.79
C SER A 498 -11.76 17.76 -28.78
N ASN A 499 -11.45 16.94 -27.77
CA ASN A 499 -12.07 17.08 -26.47
C ASN A 499 -10.93 17.18 -25.45
N THR A 500 -11.06 18.14 -24.53
CA THR A 500 -10.13 18.28 -23.46
C THR A 500 -10.83 17.87 -22.14
N ALA A 501 -11.68 18.73 -21.62
CA ALA A 501 -12.60 18.36 -20.53
C ALA A 501 -14.01 18.13 -21.08
N VAL A 502 -14.67 17.07 -20.62
CA VAL A 502 -16.02 16.74 -21.04
C VAL A 502 -16.95 16.58 -19.83
N PHE A 503 -18.04 17.33 -19.87
CA PHE A 503 -19.04 17.32 -18.82
C PHE A 503 -20.34 16.88 -19.47
N GLU A 504 -20.58 15.57 -19.39
CA GLU A 504 -21.69 14.97 -20.14
C GLU A 504 -23.06 15.44 -19.62
N GLY A 505 -23.10 15.97 -18.42
CA GLY A 505 -24.30 16.57 -17.91
C GLY A 505 -24.26 18.11 -17.75
N ASN A 506 -23.29 18.70 -18.44
N ASN A 506 -23.38 18.80 -18.49
CA ASN A 506 -23.11 20.11 -18.42
CA ASN A 506 -23.17 20.27 -18.37
C ASN A 506 -22.90 20.63 -16.97
C ASN A 506 -22.88 20.70 -16.92
N GLN A 507 -22.20 19.85 -16.16
CA GLN A 507 -22.00 20.08 -14.75
C GLN A 507 -21.09 21.27 -14.49
N GLN A 508 -20.32 21.66 -15.49
CA GLN A 508 -19.40 22.84 -15.34
C GLN A 508 -20.20 24.13 -15.16
N ALA A 509 -21.52 24.11 -15.39
CA ALA A 509 -22.35 25.28 -15.23
C ALA A 509 -22.70 25.57 -13.80
N GLY A 510 -22.31 24.70 -12.90
CA GLY A 510 -22.74 24.80 -11.55
C GLY A 510 -22.23 26.08 -10.90
N ALA A 511 -23.03 26.59 -9.98
CA ALA A 511 -22.72 27.91 -9.40
C ALA A 511 -21.35 28.00 -8.78
N ASN A 512 -20.90 26.94 -8.09
CA ASN A 512 -19.60 26.89 -7.45
C ASN A 512 -18.62 25.90 -8.11
N VAL A 513 -18.73 25.78 -9.43
CA VAL A 513 -17.74 25.05 -10.20
C VAL A 513 -16.84 26.09 -10.88
N TYR A 514 -15.55 25.89 -10.70
CA TYR A 514 -14.54 26.73 -11.24
C TYR A 514 -13.74 25.90 -12.23
N VAL A 515 -13.79 26.25 -13.51
N VAL A 515 -13.69 26.29 -13.49
CA VAL A 515 -13.11 25.44 -14.55
CA VAL A 515 -13.17 25.37 -14.51
C VAL A 515 -12.37 26.27 -15.55
C VAL A 515 -12.56 26.12 -15.69
N SER A 516 -11.45 25.62 -16.23
CA SER A 516 -10.89 26.20 -17.46
C SER A 516 -10.36 25.08 -18.30
N TYR A 517 -10.60 25.17 -19.59
CA TYR A 517 -10.04 24.20 -20.55
C TYR A 517 -10.13 24.73 -21.97
N PRO A 518 -9.26 24.21 -22.86
CA PRO A 518 -9.32 24.64 -24.24
C PRO A 518 -10.47 24.09 -25.10
N ALA A 519 -10.92 24.88 -26.08
CA ALA A 519 -11.97 24.47 -27.01
C ALA A 519 -11.79 25.21 -28.31
N THR A 520 -12.24 24.60 -29.41
CA THR A 520 -12.29 25.33 -30.65
C THR A 520 -13.65 25.96 -30.85
N VAL A 521 -13.70 27.21 -31.27
CA VAL A 521 -14.96 27.95 -31.40
C VAL A 521 -14.99 28.70 -32.73
N ASN A 522 -16.13 28.62 -33.41
CA ASN A 522 -16.33 29.34 -34.66
C ASN A 522 -17.00 30.66 -34.34
N LEU A 523 -16.48 31.76 -34.88
CA LEU A 523 -17.03 33.07 -34.64
C LEU A 523 -17.37 33.75 -35.97
N THR A 524 -18.33 34.68 -35.93
N THR A 524 -18.34 34.66 -35.93
CA THR A 524 -18.70 35.53 -37.09
CA THR A 524 -18.61 35.58 -37.02
C THR A 524 -18.90 36.99 -36.64
C THR A 524 -18.65 37.00 -36.51
N SER A 525 -18.31 37.94 -37.38
CA SER A 525 -18.40 39.36 -36.97
C SER A 525 -19.50 40.10 -37.71
N TYR A 526 -19.84 41.27 -37.22
CA TYR A 526 -20.61 42.21 -37.99
C TYR A 526 -19.75 42.82 -39.07
N ASN A 527 -20.35 43.54 -40.01
N ASN A 527 -20.41 43.55 -39.95
CA ASN A 527 -19.51 44.05 -41.15
CA ASN A 527 -19.72 44.09 -41.13
C ASN A 527 -18.81 45.37 -40.90
C ASN A 527 -18.86 45.31 -40.89
N THR A 528 -19.20 46.05 -39.82
CA THR A 528 -18.70 47.38 -39.53
C THR A 528 -17.20 47.54 -39.60
N GLN A 529 -16.75 48.56 -40.31
CA GLN A 529 -15.31 48.95 -40.23
C GLN A 529 -15.02 49.48 -38.83
N GLY A 530 -13.82 49.21 -38.33
CA GLY A 530 -13.38 49.71 -37.02
C GLY A 530 -13.55 48.69 -35.92
N ALA A 531 -13.77 49.15 -34.68
CA ALA A 531 -14.03 48.27 -33.58
C ALA A 531 -15.34 47.52 -33.91
N VAL A 532 -15.29 46.19 -33.88
CA VAL A 532 -16.39 45.38 -34.36
C VAL A 532 -16.57 44.14 -33.48
N PRO A 533 -17.84 43.74 -33.18
CA PRO A 533 -18.01 42.55 -32.39
C PRO A 533 -17.93 41.26 -33.19
N PHE A 534 -17.40 40.23 -32.53
CA PHE A 534 -17.42 38.85 -33.02
C PHE A 534 -18.24 38.02 -32.05
N PHE A 535 -19.08 37.13 -32.55
CA PHE A 535 -19.98 36.33 -31.77
C PHE A 535 -19.80 34.87 -32.16
N SER A 536 -19.93 33.99 -31.19
CA SER A 536 -19.82 32.55 -31.52
C SER A 536 -21.06 32.12 -32.29
N THR A 537 -20.89 31.16 -33.20
CA THR A 537 -22.06 30.65 -33.95
C THR A 537 -22.90 29.72 -33.05
N ASP A 538 -22.24 28.96 -32.18
CA ASP A 538 -22.96 28.11 -31.25
C ASP A 538 -23.31 28.88 -29.97
N THR A 539 -24.27 28.31 -29.27
CA THR A 539 -24.89 28.93 -28.09
C THR A 539 -24.70 28.10 -26.81
N ASN A 540 -23.59 27.39 -26.69
N ASN A 540 -23.55 27.44 -26.72
CA ASN A 540 -23.43 26.51 -25.51
CA ASN A 540 -23.25 26.52 -25.58
C ASN A 540 -22.49 27.06 -24.45
C ASN A 540 -22.24 27.08 -24.60
N TYR A 541 -22.29 28.38 -24.45
CA TYR A 541 -21.26 29.07 -23.60
C TYR A 541 -21.87 30.02 -22.56
N ALA A 542 -23.08 29.68 -22.11
CA ALA A 542 -23.75 30.49 -21.12
C ALA A 542 -23.06 30.46 -19.74
N TRP A 543 -22.23 29.45 -19.52
CA TRP A 543 -21.50 29.21 -18.27
C TRP A 543 -20.14 29.90 -18.27
N VAL A 544 -19.70 30.43 -19.43
CA VAL A 544 -18.33 30.95 -19.57
C VAL A 544 -18.25 32.39 -19.05
N THR A 545 -17.27 32.67 -18.17
CA THR A 545 -17.09 34.03 -17.60
C THR A 545 -16.04 34.82 -18.40
N SER A 546 -15.08 34.14 -18.98
CA SER A 546 -14.18 34.78 -19.96
C SER A 546 -13.50 33.73 -20.81
N ALA A 547 -12.99 34.15 -21.94
CA ALA A 547 -12.22 33.27 -22.78
C ALA A 547 -11.16 34.08 -23.44
N TYR A 548 -10.08 33.45 -23.85
CA TYR A 548 -9.05 34.19 -24.54
C TYR A 548 -8.39 33.35 -25.61
N SER A 549 -7.88 34.03 -26.60
CA SER A 549 -7.26 33.38 -27.84
C SER A 549 -6.07 32.55 -27.49
N LEU A 550 -6.05 31.34 -28.07
CA LEU A 550 -4.87 30.47 -28.07
C LEU A 550 -4.31 30.22 -29.54
N SER A 551 -4.78 31.02 -30.51
CA SER A 551 -4.48 30.89 -31.93
C SER A 551 -3.89 32.17 -32.44
N ILE A 552 -2.99 32.06 -33.41
CA ILE A 552 -2.53 33.29 -34.10
C ILE A 552 -3.55 33.76 -35.09
N ASN A 553 -3.47 35.02 -35.47
CA ASN A 553 -4.39 35.63 -36.48
C ASN A 553 -3.61 35.75 -37.78
N GLU A 554 -3.92 34.93 -38.78
CA GLU A 554 -3.19 34.94 -40.09
C GLU A 554 -3.57 36.17 -40.99
N ASN A 555 -4.50 36.99 -40.57
CA ASN A 555 -5.04 38.11 -41.34
C ASN A 555 -4.33 39.43 -41.15
N LEU A 556 -4.32 40.26 -42.21
CA LEU A 556 -3.81 41.62 -42.17
C LEU A 556 -4.96 42.59 -41.97
N ASP A 557 -6.12 42.32 -42.58
CA ASP A 557 -7.19 43.32 -42.69
C ASP A 557 -8.06 43.45 -41.45
N PHE A 558 -7.92 42.52 -40.53
CA PHE A 558 -8.75 42.49 -39.34
C PHE A 558 -8.07 41.62 -38.29
N SER A 559 -8.62 41.71 -37.09
CA SER A 559 -8.25 40.82 -36.03
C SER A 559 -9.47 40.48 -35.19
N PRO A 560 -9.52 39.22 -34.74
CA PRO A 560 -10.59 38.83 -33.82
C PRO A 560 -10.26 39.37 -32.48
N PRO A 561 -11.24 39.37 -31.54
CA PRO A 561 -10.92 39.80 -30.21
C PRO A 561 -9.85 38.90 -29.57
N ALA A 562 -9.04 39.46 -28.70
CA ALA A 562 -8.14 38.71 -27.87
C ALA A 562 -8.92 37.99 -26.77
N THR A 563 -9.96 38.62 -26.25
CA THR A 563 -10.70 38.13 -25.10
C THR A 563 -12.16 38.27 -25.34
N TYR A 564 -12.92 37.39 -24.68
CA TYR A 564 -14.32 37.31 -24.87
C TYR A 564 -15.06 37.20 -23.53
N THR A 565 -16.31 37.61 -23.51
N THR A 565 -16.31 37.65 -23.52
CA THR A 565 -17.23 37.18 -22.46
CA THR A 565 -17.28 37.35 -22.47
C THR A 565 -18.39 36.45 -23.11
C THR A 565 -18.47 36.67 -23.14
N ASN A 566 -19.50 36.33 -22.38
CA ASN A 566 -20.67 35.74 -22.95
C ASN A 566 -21.93 36.66 -22.95
N LYS A 567 -23.03 36.06 -23.39
CA LYS A 567 -24.31 36.74 -23.50
C LYS A 567 -25.35 35.75 -22.98
N ALA A 568 -26.52 36.24 -22.67
CA ALA A 568 -27.50 35.41 -22.04
C ALA A 568 -27.95 34.21 -22.91
N ASN A 569 -27.87 34.35 -24.21
CA ASN A 569 -28.27 33.26 -25.07
C ASN A 569 -27.22 32.17 -25.25
N GLY A 570 -26.11 32.32 -24.56
CA GLY A 570 -25.03 31.34 -24.56
C GLY A 570 -23.98 31.60 -25.66
N GLN A 571 -24.12 32.65 -26.45
CA GLN A 571 -22.99 33.08 -27.28
C GLN A 571 -21.84 33.65 -26.50
N LEU A 572 -20.65 33.44 -27.03
CA LEU A 572 -19.53 34.31 -26.71
C LEU A 572 -19.55 35.55 -27.60
N VAL A 573 -18.94 36.61 -27.06
CA VAL A 573 -18.84 37.89 -27.72
C VAL A 573 -17.59 38.58 -27.28
N GLY A 574 -16.92 39.18 -28.25
CA GLY A 574 -15.82 40.07 -27.92
C GLY A 574 -15.65 41.14 -28.98
N VAL A 575 -14.76 42.12 -28.73
CA VAL A 575 -14.58 43.25 -29.65
C VAL A 575 -13.24 43.16 -30.31
N GLY A 576 -13.28 42.88 -31.62
CA GLY A 576 -12.07 43.00 -32.45
C GLY A 576 -12.00 44.22 -33.31
N TYR A 577 -11.25 44.13 -34.39
CA TYR A 577 -10.95 45.32 -35.17
C TYR A 577 -10.91 44.98 -36.66
N ASN A 578 -11.79 45.63 -37.41
CA ASN A 578 -11.82 45.54 -38.87
C ASN A 578 -11.08 46.78 -39.46
N GLU A 579 -9.87 46.58 -39.95
CA GLU A 579 -9.18 47.68 -40.61
C GLU A 579 -9.97 48.14 -41.83
N ILE A 580 -10.48 47.17 -42.57
CA ILE A 580 -11.44 47.35 -43.63
C ILE A 580 -12.69 46.59 -43.20
N GLY A 581 -13.85 47.05 -43.61
CA GLY A 581 -15.09 46.44 -43.16
C GLY A 581 -15.28 45.12 -43.89
N GLY A 582 -16.29 44.43 -43.42
CA GLY A 582 -16.68 43.16 -43.92
C GLY A 582 -17.04 42.18 -42.83
N VAL A 583 -18.00 41.29 -43.14
CA VAL A 583 -18.33 40.22 -42.26
C VAL A 583 -17.15 39.26 -42.27
N ARG A 584 -16.69 38.90 -41.07
CA ARG A 584 -15.60 37.93 -40.88
C ARG A 584 -16.09 36.62 -40.29
N SER A 585 -15.40 35.52 -40.63
N SER A 585 -15.42 35.54 -40.68
CA SER A 585 -15.72 34.18 -40.12
CA SER A 585 -15.64 34.25 -40.07
C SER A 585 -14.42 33.42 -39.88
C SER A 585 -14.30 33.60 -39.81
N VAL A 586 -14.15 33.11 -38.60
CA VAL A 586 -12.95 32.48 -38.17
C VAL A 586 -13.22 31.31 -37.22
N SER A 587 -12.26 30.42 -37.18
CA SER A 587 -12.28 29.29 -36.25
C SER A 587 -11.05 29.46 -35.37
N VAL A 588 -11.24 29.61 -34.06
CA VAL A 588 -10.14 29.95 -33.15
C VAL A 588 -10.08 28.98 -31.99
N ARG A 589 -8.87 28.70 -31.54
CA ARG A 589 -8.69 27.90 -30.32
C ARG A 589 -8.75 28.88 -29.13
N LEU A 590 -9.69 28.67 -28.23
CA LEU A 590 -9.81 29.52 -27.03
C LEU A 590 -9.57 28.75 -25.75
N MET A 591 -9.15 29.48 -24.73
CA MET A 591 -9.14 28.98 -23.39
C MET A 591 -10.45 29.42 -22.75
N LEU A 592 -11.34 28.49 -22.47
CA LEU A 592 -12.62 28.83 -21.87
C LEU A 592 -12.44 28.84 -20.39
N GLN A 593 -12.95 29.88 -19.77
CA GLN A 593 -12.84 29.98 -18.32
C GLN A 593 -14.14 30.28 -17.61
N ARG A 594 -14.30 29.69 -16.44
CA ARG A 594 -15.47 29.95 -15.58
C ARG A 594 -15.02 30.14 -14.18
N GLN A 595 -15.11 31.41 -13.75
CA GLN A 595 -14.86 31.87 -12.39
C GLN A 595 -13.40 31.75 -11.98
N VAL A 596 -12.53 31.59 -12.97
CA VAL A 596 -11.08 31.52 -12.79
C VAL A 596 -10.36 32.38 -13.77
C1 NDG B . -6.06 -9.15 2.99
C2 NDG B . -6.01 -9.79 4.37
C3 NDG B . -7.42 -9.77 4.99
C4 NDG B . -7.93 -8.32 5.06
C5 NDG B . -7.83 -7.63 3.66
C6 NDG B . -7.99 -6.13 3.72
C7 NDG B . -4.36 -11.63 4.82
C8 NDG B . -3.91 -13.02 4.43
O5 NDG B . -6.54 -7.83 3.08
O3 NDG B . -7.36 -10.27 6.33
O4 NDG B . -9.27 -8.26 5.64
O6 NDG B . -8.66 -5.65 2.54
O7 NDG B . -3.76 -11.06 5.72
N2 NDG B . -5.41 -11.12 4.16
O1 NDG B . -6.87 -9.89 2.08
C1 NAG B . -6.03 -9.20 2.97
C2 NAG B . -5.96 -9.84 4.34
C3 NAG B . -7.32 -9.87 5.01
C4 NAG B . -7.88 -8.45 5.05
C5 NAG B . -7.80 -7.76 3.65
C6 NAG B . -8.10 -6.28 3.74
C7 NAG B . -4.50 -11.71 4.91
C8 NAG B . -4.16 -13.14 4.61
N2 NAG B . -5.48 -11.19 4.19
O1 NAG B . -4.71 -9.15 2.45
O3 NAG B . -7.16 -10.44 6.31
O4 NAG B . -9.21 -8.43 5.55
O5 NAG B . -6.52 -7.89 3.08
O6 NAG B . -8.63 -5.77 2.53
O7 NAG B . -3.89 -11.11 5.80
C1 GLA B . -8.36 -11.14 6.71
C2 GLA B . -8.56 -11.09 8.19
C3 GLA B . -7.39 -11.95 8.76
C4 GLA B . -7.28 -13.29 8.04
C5 GLA B . -7.25 -13.11 6.50
C6 GLA B . -7.29 -14.42 5.70
O2 GLA B . -8.50 -9.79 8.73
O3 GLA B . -7.69 -12.07 10.13
O4 GLA B . -8.47 -14.06 8.38
O5 GLA B . -8.38 -12.37 6.06
O6 GLA B . -6.22 -15.17 6.27
C1 GLC B . -8.15 -15.40 8.82
C2 GLC B . -9.45 -16.25 8.84
C3 GLC B . -10.44 -15.74 9.91
C4 GLC B . -9.72 -15.85 11.20
C5 GLC B . -8.47 -14.97 11.13
C6 GLC B . -7.62 -15.00 12.38
O2 GLC B . -10.03 -16.16 7.60
O3 GLC B . -11.54 -16.64 9.91
O4 GLC B . -10.53 -15.35 12.20
O5 GLC B . -7.60 -15.49 10.10
O6 GLC B . -7.22 -16.36 12.72
C1 RAM B . -7.75 -16.69 14.01
C2 RAM B . -7.39 -18.15 14.22
C3 RAM B . -5.92 -18.36 14.48
C4 RAM B . -5.40 -17.36 15.52
C5 RAM B . -5.80 -15.91 15.19
C6 RAM B . -5.36 -14.90 16.29
O2 RAM B . -8.14 -18.54 15.39
O3 RAM B . -5.78 -19.73 14.95
O4 RAM B . -4.01 -17.60 15.76
O5 RAM B . -7.27 -15.89 15.10
C1 NAG B . -6.75 -11.40 11.02
C2 NAG B . -7.44 -11.12 12.37
C3 NAG B . -6.49 -10.58 13.45
C4 NAG B . -5.07 -11.11 13.41
C5 NAG B . -4.57 -11.11 12.00
C6 NAG B . -3.23 -11.74 11.76
C7 NAG B . -9.81 -10.71 12.35
C8 NAG B . -10.92 -9.76 12.00
N2 NAG B . -8.58 -10.30 12.12
O3 NAG B . -7.11 -10.88 14.70
O4 NAG B . -4.22 -10.24 14.15
O5 NAG B . -5.41 -11.84 11.14
O6 NAG B . -3.18 -13.10 12.15
O7 NAG B . -10.02 -11.81 12.85
C1 GLC B . -10.07 -5.76 2.43
C2 GLC B . -10.44 -5.39 0.98
C3 GLC B . -10.02 -3.92 0.77
C4 GLC B . -10.65 -3.04 1.85
C5 GLC B . -10.27 -3.54 3.25
C6 GLC B . -10.96 -2.78 4.38
O2 GLC B . -9.80 -6.23 0.00
O3 GLC B . -10.36 -3.49 -0.52
O4 GLC B . -10.09 -1.72 1.80
O5 GLC B . -10.67 -4.88 3.39
O6 GLC B . -12.37 -2.77 4.23
C TRS C . -11.83 42.87 -48.14
C1 TRS C . -10.61 42.92 -49.07
C2 TRS C . -12.88 43.88 -48.66
C3 TRS C . -11.53 43.33 -46.70
N TRS C . -12.36 41.46 -48.16
O1 TRS C . -10.06 44.23 -49.08
O2 TRS C . -13.39 43.58 -49.96
O3 TRS C . -10.62 42.43 -46.00
C FMT D . 27.34 -30.73 23.31
O1 FMT D . 27.58 -29.65 22.76
O2 FMT D . 27.16 -30.88 24.62
C FMT E . -24.30 24.73 -5.77
O1 FMT E . -23.15 25.12 -5.96
O2 FMT E . -24.91 25.10 -4.63
C FMT F . -2.67 47.19 -42.31
O1 FMT F . -1.61 46.68 -41.92
O2 FMT F . -3.80 46.50 -42.25
C FMT G . -18.67 27.30 -31.76
O1 FMT G . -19.23 28.40 -32.02
O2 FMT G . -17.96 26.48 -32.61
C FMT H . 21.32 -30.81 11.05
O1 FMT H . 22.40 -30.19 11.20
O2 FMT H . 21.02 -31.40 9.85
NA NA I . 10.25 11.16 -14.50
NA NA J . -25.08 10.66 -8.98
NA NA K . -7.46 -20.66 16.42
#